data_5BX4
#
_entry.id   5BX4
#
_cell.length_a   177.170
_cell.length_b   54.495
_cell.length_c   83.158
_cell.angle_alpha   90.00
_cell.angle_beta   90.00
_cell.angle_gamma   90.00
#
_symmetry.space_group_name_H-M   'P 21 21 2'
#
loop_
_entity.id
_entity.type
_entity.pdbx_description
1 polymer beta-glucosidase
2 non-polymer GLUCOIMIDAZOLE
3 non-polymer GLYCEROL
4 non-polymer 'CALCIUM ION'
5 non-polymer 1,2-ETHANEDIOL
6 water water
#
_entity_poly.entity_id   1
_entity_poly.type   'polypeptide(L)'
_entity_poly.pdbx_seq_one_letter_code
;AMALTGCSEKININEDKISHKIDIPDSAWTIGIGEKFKNAGHPNVKYPMIDDSYVQGAPLGGFGAGTIGRTYNGGFSRWH
LEIGKNKYTTVYANQFSVFQKVEGNKDGVAQVLYAGEPENGYLSSWKWDYPKESGMYYALYPNSWYTYTNKDLPVQLAVK
QFSPIIPYNYKETSYPVAVFKWTAYNPTNKNVDVSIMFTWQNMIGFFGKQVNVNSGNFNKIIKDKSKDSEIVAAVMGNIS
NDNEEWNGEYSIGVKKVPGVDISYKAKFVTTGDGSDLWHEFSKNGILDNKDDETPTKQDGIGSAIAVNFKLQPGQTIEVP
FALSWDLPIMKFGGGDKWYKMYTKYFGKNGKNSFAILKEALNNYQKWEKMIDDWQKPILSNKSKPDWYKTALFNELYYLA
DGGTAWENGKVGEKDKRTNNMFGLLECFDYNYYETLDVRFYGSFPLVMLWPDIEKQVMRQFADTINVQDSSEFKVGSNGA
MAVKKVQGMIPHDLGSSYALPWIKINAYDWQNPNIWKDLNSKYVLLVYRDYVLTGKTDKEFLKYTWKSVKTALDKLKEMD
KDNDGIPDNEGIPDQTYDTWSMKGTSAYCGSLWLAALKAAQEIGKVLKDNEAYIKYNEWYKIAQQNFEKELWNGEYYNFD
TESDHKDSIMADQLAGQWYADILRLGDILPKDHVQKALKKIYEFNVMKFENGKMGAVNGMRPDGIVDESDIQAQEVWTGV
TYALASFMKYRGMTEEAYNTAYGVYKMTYDKSGKGYWFRTPEAWTKDGNYRASMYMRPLSIWSMEVNYNEVLEHHHHHH
;
_entity_poly.pdbx_strand_id   A
#
loop_
_chem_comp.id
_chem_comp.type
_chem_comp.name
_chem_comp.formula
CA non-polymer 'CALCIUM ION' 'Ca 2'
EDO non-polymer 1,2-ETHANEDIOL 'C2 H6 O2'
GIM non-polymer GLUCOIMIDAZOLE 'C8 H13 N2 O4 1'
GOL non-polymer GLYCEROL 'C3 H8 O3'
#
# COMPACT_ATOMS: atom_id res chain seq x y z
N ASP A 16 -3.90 29.99 -12.70
CA ASP A 16 -4.71 28.79 -12.32
C ASP A 16 -6.17 29.16 -12.04
N LYS A 17 -7.01 29.07 -13.06
CA LYS A 17 -8.45 29.29 -12.96
C LYS A 17 -9.25 27.98 -12.87
N ILE A 18 -8.57 26.85 -13.00
CA ILE A 18 -9.22 25.54 -13.10
C ILE A 18 -9.50 24.97 -11.71
N SER A 19 -8.61 25.23 -10.75
CA SER A 19 -8.77 24.77 -9.36
C SER A 19 -10.16 25.02 -8.78
N HIS A 20 -10.73 26.18 -9.07
CA HIS A 20 -12.05 26.55 -8.55
C HIS A 20 -13.20 25.76 -9.22
N LYS A 21 -12.94 25.18 -10.39
CA LYS A 21 -13.93 24.37 -11.09
C LYS A 21 -13.93 22.91 -10.61
N ILE A 22 -12.96 22.54 -9.76
CA ILE A 22 -12.87 21.17 -9.23
C ILE A 22 -12.80 21.22 -7.70
N ASP A 23 -12.77 20.08 -7.04
CA ASP A 23 -12.77 20.11 -5.57
C ASP A 23 -11.64 19.27 -4.99
N ILE A 24 -10.48 19.89 -4.89
CA ILE A 24 -9.32 19.22 -4.30
C ILE A 24 -9.22 19.62 -2.83
N PRO A 25 -9.14 18.64 -1.94
CA PRO A 25 -9.04 18.95 -0.52
C PRO A 25 -7.72 19.64 -0.18
N ASP A 26 -7.76 20.54 0.79
CA ASP A 26 -6.53 21.24 1.16
C ASP A 26 -5.44 20.31 1.69
N SER A 27 -5.83 19.16 2.22
CA SER A 27 -4.86 18.18 2.72
C SER A 27 -4.22 17.30 1.63
N ALA A 28 -4.59 17.47 0.37
CA ALA A 28 -3.90 16.70 -0.67
C ALA A 28 -2.41 17.01 -0.66
N TRP A 29 -1.60 15.98 -0.83
CA TRP A 29 -0.18 16.15 -1.08
C TRP A 29 -0.04 16.80 -2.44
N THR A 30 0.86 17.77 -2.58
N THR A 30 0.88 17.74 -2.60
CA THR A 30 1.06 18.50 -3.84
CA THR A 30 1.05 18.37 -3.90
C THR A 30 2.51 18.55 -4.31
C THR A 30 2.49 18.60 -4.31
N ILE A 31 2.69 18.57 -5.62
CA ILE A 31 3.99 18.77 -6.23
C ILE A 31 3.76 19.32 -7.63
N GLY A 32 4.71 20.11 -8.13
CA GLY A 32 4.60 20.60 -9.51
C GLY A 32 4.90 19.50 -10.51
N ILE A 33 4.13 19.47 -11.59
CA ILE A 33 4.39 18.56 -12.71
C ILE A 33 5.78 18.91 -13.26
N GLY A 34 6.66 17.91 -13.34
CA GLY A 34 8.00 18.12 -13.85
C GLY A 34 8.98 18.65 -12.80
N GLU A 35 8.53 18.77 -11.55
CA GLU A 35 9.40 19.29 -10.49
C GLU A 35 10.56 18.33 -10.26
N LYS A 36 11.74 18.91 -10.09
CA LYS A 36 12.90 18.16 -9.66
C LYS A 36 12.95 18.24 -8.15
N PHE A 37 13.30 17.14 -7.51
CA PHE A 37 13.45 17.11 -6.09
C PHE A 37 14.92 16.92 -5.84
N LYS A 38 15.49 17.74 -4.97
CA LYS A 38 16.94 17.75 -4.78
C LYS A 38 17.40 16.97 -3.57
N ASN A 39 16.52 16.76 -2.59
CA ASN A 39 16.96 16.19 -1.33
C ASN A 39 16.84 14.67 -1.21
N ALA A 40 16.69 13.92 -2.31
CA ALA A 40 16.16 12.55 -2.17
C ALA A 40 17.09 11.56 -1.50
N GLY A 41 16.52 10.72 -0.64
CA GLY A 41 17.26 9.67 0.04
C GLY A 41 17.45 8.43 -0.83
N HIS A 42 18.41 7.61 -0.42
CA HIS A 42 18.76 6.40 -1.14
C HIS A 42 19.02 5.31 -0.12
N PRO A 43 19.11 4.03 -0.56
CA PRO A 43 19.27 2.97 0.41
C PRO A 43 20.60 3.07 1.16
N ASN A 44 20.56 2.70 2.43
CA ASN A 44 21.75 2.76 3.28
C ASN A 44 22.33 1.38 3.63
N VAL A 45 21.92 0.34 2.90
CA VAL A 45 22.41 -1.04 3.09
C VAL A 45 23.49 -1.38 2.04
N LYS A 46 24.18 -2.51 2.20
CA LYS A 46 25.31 -2.84 1.31
C LYS A 46 24.94 -3.65 0.07
N TYR A 47 23.97 -4.56 0.19
CA TYR A 47 23.52 -5.31 -0.98
C TYR A 47 22.47 -4.50 -1.72
N PRO A 48 22.19 -4.90 -2.97
CA PRO A 48 21.24 -4.17 -3.78
C PRO A 48 19.87 -4.05 -3.11
N MET A 49 19.28 -2.87 -3.28
CA MET A 49 17.98 -2.60 -2.68
C MET A 49 17.21 -1.71 -3.64
N ILE A 50 15.91 -1.91 -3.70
CA ILE A 50 15.06 -1.15 -4.62
C ILE A 50 15.13 0.36 -4.33
N ASP A 51 15.40 1.13 -5.38
CA ASP A 51 15.31 2.59 -5.35
C ASP A 51 14.77 3.05 -6.67
N ASP A 52 13.44 3.28 -6.73
CA ASP A 52 12.79 3.65 -7.97
C ASP A 52 12.74 5.17 -8.19
N SER A 53 13.43 5.93 -7.33
CA SER A 53 13.42 7.39 -7.41
C SER A 53 12.18 7.97 -6.78
N TYR A 54 12.17 9.30 -6.72
CA TYR A 54 11.05 10.05 -6.16
C TYR A 54 9.93 10.34 -7.15
N VAL A 55 10.09 9.93 -8.41
CA VAL A 55 9.03 10.12 -9.41
C VAL A 55 7.98 9.01 -9.25
N GLN A 56 7.01 9.29 -8.39
CA GLN A 56 5.97 8.33 -8.02
C GLN A 56 4.64 9.04 -7.95
N GLY A 57 3.60 8.24 -7.74
CA GLY A 57 2.25 8.77 -7.54
C GLY A 57 1.36 7.78 -6.81
N ALA A 58 0.14 8.22 -6.53
CA ALA A 58 -0.85 7.37 -5.90
C ALA A 58 -1.24 6.28 -6.91
N PRO A 59 -1.32 5.02 -6.46
CA PRO A 59 -1.64 3.94 -7.40
C PRO A 59 -3.10 3.89 -7.83
N LEU A 60 -3.33 3.25 -8.97
CA LEU A 60 -4.65 2.92 -9.47
C LEU A 60 -4.79 1.41 -9.45
N GLY A 61 -5.99 0.93 -9.17
CA GLY A 61 -6.25 -0.51 -9.12
C GLY A 61 -6.73 -0.96 -7.76
N GLY A 62 -7.62 -1.93 -7.75
CA GLY A 62 -8.14 -2.49 -6.53
C GLY A 62 -7.27 -3.52 -5.83
N PHE A 63 -7.73 -3.92 -4.66
CA PHE A 63 -7.04 -4.93 -3.88
C PHE A 63 -7.02 -6.27 -4.63
N GLY A 64 -5.83 -6.83 -4.81
CA GLY A 64 -5.66 -8.08 -5.51
C GLY A 64 -5.83 -8.01 -7.01
N ALA A 65 -5.97 -6.80 -7.55
CA ALA A 65 -6.18 -6.60 -8.97
C ALA A 65 -4.89 -6.46 -9.75
N GLY A 66 -3.78 -6.23 -9.07
CA GLY A 66 -2.61 -5.67 -9.71
C GLY A 66 -2.83 -4.17 -9.76
N THR A 67 -1.80 -3.38 -9.48
CA THR A 67 -1.91 -1.94 -9.50
C THR A 67 -0.93 -1.34 -10.46
N ILE A 68 -1.25 -0.10 -10.85
CA ILE A 68 -0.45 0.69 -11.77
C ILE A 68 -0.18 2.04 -11.11
N GLY A 69 1.10 2.37 -10.97
CA GLY A 69 1.51 3.67 -10.43
C GLY A 69 1.74 4.68 -11.52
N ARG A 70 0.85 5.67 -11.60
CA ARG A 70 0.99 6.79 -12.50
C ARG A 70 1.61 7.91 -11.69
N THR A 71 2.74 8.42 -12.17
CA THR A 71 3.54 9.31 -11.34
C THR A 71 3.06 10.75 -11.51
N TYR A 72 3.60 11.64 -10.67
CA TYR A 72 3.25 13.04 -10.75
C TYR A 72 3.69 13.71 -12.05
N ASN A 73 4.59 13.08 -12.79
CA ASN A 73 4.96 13.57 -14.11
C ASN A 73 4.03 13.11 -15.23
N GLY A 74 3.12 12.20 -14.92
CA GLY A 74 2.07 11.79 -15.85
C GLY A 74 2.26 10.38 -16.40
N GLY A 75 3.45 9.81 -16.22
CA GLY A 75 3.75 8.50 -16.80
C GLY A 75 3.21 7.34 -16.02
N PHE A 76 2.82 6.30 -16.75
CA PHE A 76 2.42 5.02 -16.15
C PHE A 76 3.72 4.21 -16.00
N SER A 77 4.24 4.19 -14.78
CA SER A 77 5.62 3.80 -14.51
C SER A 77 5.85 2.73 -13.48
N ARG A 78 5.03 2.64 -12.43
CA ARG A 78 5.32 1.65 -11.40
C ARG A 78 4.33 0.49 -11.51
N TRP A 79 4.79 -0.59 -12.13
CA TRP A 79 3.89 -1.67 -12.53
C TRP A 79 3.88 -2.77 -11.49
N HIS A 80 2.72 -2.99 -10.88
CA HIS A 80 2.52 -4.07 -9.91
C HIS A 80 1.47 -5.06 -10.45
N LEU A 81 1.38 -5.19 -11.76
CA LEU A 81 0.37 -6.06 -12.37
C LEU A 81 0.71 -7.54 -12.23
N GLU A 82 1.98 -7.86 -12.19
CA GLU A 82 2.46 -9.19 -11.83
C GLU A 82 2.52 -9.24 -10.30
N ILE A 83 1.58 -9.97 -9.71
CA ILE A 83 1.31 -9.85 -8.28
C ILE A 83 2.50 -10.28 -7.47
N GLY A 84 2.99 -9.39 -6.61
CA GLY A 84 4.17 -9.66 -5.80
C GLY A 84 5.45 -9.04 -6.32
N LYS A 85 5.40 -8.49 -7.54
CA LYS A 85 6.57 -7.90 -8.17
C LYS A 85 6.41 -6.40 -8.36
N ASN A 86 7.53 -5.70 -8.33
CA ASN A 86 7.60 -4.27 -8.56
C ASN A 86 8.48 -4.02 -9.77
N LYS A 87 7.90 -3.47 -10.84
CA LYS A 87 8.64 -3.21 -12.07
C LYS A 87 8.48 -1.76 -12.44
N TYR A 88 9.57 -0.99 -12.32
CA TYR A 88 9.52 0.45 -12.57
C TYR A 88 10.08 0.72 -13.96
N THR A 89 9.19 1.04 -14.88
CA THR A 89 9.54 1.40 -16.24
C THR A 89 8.36 2.14 -16.86
N THR A 90 8.64 3.27 -17.50
CA THR A 90 7.58 4.05 -18.12
C THR A 90 7.20 3.44 -19.47
N VAL A 91 5.93 3.12 -19.65
CA VAL A 91 5.43 2.63 -20.93
C VAL A 91 5.01 3.89 -21.67
N TYR A 92 5.87 4.37 -22.57
CA TYR A 92 5.70 5.73 -23.09
C TYR A 92 4.43 5.94 -23.92
N ALA A 93 3.91 4.89 -24.55
CA ALA A 93 2.68 5.01 -25.31
C ALA A 93 1.44 5.31 -24.46
N ASN A 94 1.53 5.06 -23.15
CA ASN A 94 0.40 5.22 -22.25
C ASN A 94 0.32 6.66 -21.77
N GLN A 95 -0.60 7.43 -22.32
CA GLN A 95 -0.63 8.87 -22.02
C GLN A 95 -1.98 9.49 -22.22
N PHE A 96 -2.14 10.68 -21.63
CA PHE A 96 -3.13 11.62 -22.11
C PHE A 96 -2.41 12.75 -22.85
N SER A 97 -3.04 13.17 -23.93
CA SER A 97 -2.54 14.27 -24.77
C SER A 97 -3.66 15.25 -25.03
N VAL A 98 -3.29 16.47 -25.39
CA VAL A 98 -4.27 17.54 -25.62
C VAL A 98 -3.94 18.26 -26.92
N PHE A 99 -5.00 18.69 -27.59
CA PHE A 99 -4.94 19.55 -28.76
C PHE A 99 -5.81 20.74 -28.47
N GLN A 100 -5.33 21.93 -28.80
CA GLN A 100 -6.13 23.14 -28.70
C GLN A 100 -5.90 24.05 -29.89
N LYS A 101 -6.98 24.62 -30.41
CA LYS A 101 -6.88 25.61 -31.47
C LYS A 101 -7.85 26.75 -31.18
N VAL A 102 -7.33 27.97 -31.14
CA VAL A 102 -8.18 29.15 -30.93
C VAL A 102 -8.88 29.49 -32.25
N GLU A 103 -10.18 29.78 -32.18
CA GLU A 103 -10.93 30.19 -33.38
C GLU A 103 -10.23 31.41 -33.99
N GLY A 104 -9.96 31.35 -35.28
CA GLY A 104 -9.25 32.43 -35.97
C GLY A 104 -7.82 32.08 -36.37
N ASN A 105 -7.15 31.26 -35.56
CA ASN A 105 -5.80 30.82 -35.89
C ASN A 105 -5.80 29.72 -36.96
N LYS A 106 -4.72 29.68 -37.75
CA LYS A 106 -4.59 28.67 -38.81
C LYS A 106 -4.22 27.29 -38.27
N ASP A 107 -3.34 27.26 -37.27
CA ASP A 107 -2.91 26.00 -36.64
C ASP A 107 -3.28 25.92 -35.17
N GLY A 108 -3.41 24.70 -34.69
CA GLY A 108 -3.57 24.43 -33.25
C GLY A 108 -2.27 23.88 -32.73
N VAL A 109 -2.25 23.52 -31.45
CA VAL A 109 -1.05 22.92 -30.85
C VAL A 109 -1.46 21.63 -30.18
N ALA A 110 -0.55 20.66 -30.17
CA ALA A 110 -0.80 19.38 -29.52
C ALA A 110 0.37 19.07 -28.58
N GLN A 111 0.07 18.41 -27.47
CA GLN A 111 1.07 18.22 -26.43
C GLN A 111 0.74 16.97 -25.64
N VAL A 112 1.72 16.08 -25.48
CA VAL A 112 1.57 14.96 -24.57
C VAL A 112 1.69 15.49 -23.14
N LEU A 113 0.79 15.06 -22.26
CA LEU A 113 0.80 15.51 -20.86
C LEU A 113 1.74 14.63 -20.01
N TYR A 114 3.01 14.67 -20.34
CA TYR A 114 4.05 13.91 -19.70
C TYR A 114 5.29 14.78 -19.63
N ALA A 115 5.79 15.00 -18.42
CA ALA A 115 6.99 15.84 -18.21
C ALA A 115 8.24 14.99 -18.40
N GLY A 116 8.46 14.59 -19.65
CA GLY A 116 9.62 13.82 -20.02
C GLY A 116 9.53 13.40 -21.49
N GLU A 117 10.42 12.51 -21.88
CA GLU A 117 10.41 11.97 -23.25
C GLU A 117 10.97 10.57 -23.27
N PRO A 118 10.71 9.80 -24.35
CA PRO A 118 11.26 8.45 -24.42
C PRO A 118 12.78 8.44 -24.50
N GLU A 119 13.40 7.33 -24.12
CA GLU A 119 14.86 7.22 -24.14
C GLU A 119 15.37 7.00 -25.58
N ASN A 120 14.60 6.24 -26.36
CA ASN A 120 14.95 5.89 -27.74
C ASN A 120 14.03 6.61 -28.73
N GLY A 121 14.02 6.15 -29.98
CA GLY A 121 13.33 6.86 -31.06
C GLY A 121 11.88 6.49 -31.27
N TYR A 122 11.34 5.60 -30.43
CA TYR A 122 9.95 5.27 -30.57
C TYR A 122 9.12 6.47 -30.11
N LEU A 123 8.07 6.71 -30.88
CA LEU A 123 7.12 7.77 -30.66
C LEU A 123 7.76 9.15 -30.78
N SER A 124 8.84 9.25 -31.55
CA SER A 124 9.54 10.52 -31.69
C SER A 124 8.68 11.62 -32.31
N SER A 125 7.63 11.25 -33.04
CA SER A 125 6.76 12.26 -33.66
C SER A 125 5.87 13.01 -32.66
N TRP A 126 5.61 12.40 -31.51
CA TRP A 126 4.75 13.02 -30.49
C TRP A 126 5.44 14.21 -29.86
N LYS A 127 4.66 15.14 -29.30
CA LYS A 127 5.20 16.35 -28.67
C LYS A 127 5.40 16.08 -27.18
N TRP A 128 6.65 15.82 -26.80
CA TRP A 128 7.01 15.40 -25.45
C TRP A 128 7.36 16.62 -24.58
N ASP A 129 7.88 16.34 -23.39
CA ASP A 129 8.47 17.36 -22.52
C ASP A 129 7.46 18.45 -22.13
N TYR A 130 6.38 18.00 -21.50
CA TYR A 130 5.43 18.94 -20.94
C TYR A 130 6.24 19.92 -20.07
N PRO A 131 6.06 21.23 -20.28
CA PRO A 131 6.98 22.17 -19.62
C PRO A 131 6.77 22.31 -18.12
N LYS A 132 7.84 22.63 -17.41
CA LYS A 132 7.79 22.94 -15.98
C LYS A 132 6.94 24.16 -15.69
N GLU A 133 6.56 24.29 -14.42
N GLU A 133 6.57 24.30 -14.42
CA GLU A 133 5.77 25.41 -13.90
CA GLU A 133 5.80 25.45 -13.91
C GLU A 133 4.49 25.64 -14.67
C GLU A 133 4.47 25.64 -14.64
N SER A 134 3.87 24.55 -15.12
CA SER A 134 2.68 24.62 -15.95
C SER A 134 1.58 23.66 -15.50
N GLY A 135 1.58 23.30 -14.23
CA GLY A 135 0.60 22.36 -13.72
C GLY A 135 1.05 21.73 -12.43
N MET A 136 0.10 21.14 -11.71
CA MET A 136 0.36 20.57 -10.40
C MET A 136 -0.27 19.18 -10.33
N TYR A 137 0.33 18.35 -9.49
CA TYR A 137 -0.23 17.05 -9.13
C TYR A 137 -0.66 17.13 -7.67
N TYR A 138 -1.80 16.50 -7.37
CA TYR A 138 -2.37 16.44 -6.04
C TYR A 138 -2.77 15.02 -5.71
N ALA A 139 -2.61 14.59 -4.45
CA ALA A 139 -3.01 13.25 -4.08
C ALA A 139 -3.61 13.16 -2.69
N LEU A 140 -4.80 12.57 -2.62
CA LEU A 140 -5.39 12.16 -1.33
C LEU A 140 -6.04 10.81 -1.56
N TYR A 141 -5.22 9.78 -1.41
CA TYR A 141 -5.58 8.40 -1.77
C TYR A 141 -6.99 8.05 -1.24
N PRO A 142 -7.87 7.47 -2.08
CA PRO A 142 -7.61 6.85 -3.41
C PRO A 142 -7.70 7.82 -4.60
N ASN A 143 -7.89 9.11 -4.33
CA ASN A 143 -7.98 10.11 -5.39
C ASN A 143 -6.64 10.77 -5.68
N SER A 144 -6.41 11.09 -6.95
CA SER A 144 -5.35 12.03 -7.28
C SER A 144 -5.82 12.90 -8.42
N TRP A 145 -5.12 14.01 -8.63
CA TRP A 145 -5.51 15.01 -9.62
C TRP A 145 -4.27 15.59 -10.30
N TYR A 146 -4.46 16.03 -11.54
CA TYR A 146 -3.50 16.88 -12.23
C TYR A 146 -4.25 18.10 -12.73
N THR A 147 -3.59 19.25 -12.66
CA THR A 147 -4.08 20.47 -13.30
C THR A 147 -3.04 20.92 -14.31
N TYR A 148 -3.53 21.50 -15.41
CA TYR A 148 -2.70 21.92 -16.52
C TYR A 148 -3.02 23.38 -16.78
N THR A 149 -2.05 24.21 -16.44
CA THR A 149 -2.17 25.67 -16.44
C THR A 149 -0.95 26.18 -17.21
N ASN A 150 -1.09 26.25 -18.53
CA ASN A 150 0.02 26.39 -19.45
C ASN A 150 -0.25 27.61 -20.32
N LYS A 151 0.77 28.47 -20.48
CA LYS A 151 0.57 29.71 -21.21
C LYS A 151 0.24 29.49 -22.69
N ASP A 152 0.57 28.31 -23.22
CA ASP A 152 0.24 27.97 -24.61
C ASP A 152 -1.02 27.13 -24.77
N LEU A 153 -1.73 26.89 -23.66
CA LEU A 153 -2.99 26.17 -23.68
C LEU A 153 -4.07 27.08 -23.10
N PRO A 154 -4.76 27.84 -23.97
CA PRO A 154 -5.77 28.78 -23.48
C PRO A 154 -6.84 28.16 -22.61
N VAL A 155 -7.23 26.93 -22.92
CA VAL A 155 -8.22 26.24 -22.12
C VAL A 155 -7.47 25.47 -21.03
N GLN A 156 -7.92 25.68 -19.81
CA GLN A 156 -7.29 25.02 -18.67
C GLN A 156 -8.00 23.70 -18.41
N LEU A 157 -7.22 22.69 -18.05
CA LEU A 157 -7.73 21.35 -17.88
C LEU A 157 -7.30 20.81 -16.54
N ALA A 158 -8.12 19.90 -16.03
CA ALA A 158 -7.78 19.15 -14.83
C ALA A 158 -8.36 17.75 -14.96
N VAL A 159 -7.74 16.80 -14.29
CA VAL A 159 -8.28 15.46 -14.23
C VAL A 159 -8.28 14.98 -12.78
N LYS A 160 -9.34 14.27 -12.44
CA LYS A 160 -9.42 13.54 -11.17
C LYS A 160 -9.39 12.07 -11.52
N GLN A 161 -8.41 11.34 -10.98
CA GLN A 161 -8.29 9.90 -11.24
C GLN A 161 -8.38 9.11 -9.95
N PHE A 162 -8.98 7.92 -10.03
CA PHE A 162 -9.17 7.11 -8.86
C PHE A 162 -9.66 5.72 -9.24
N SER A 163 -9.52 4.82 -8.27
CA SER A 163 -10.20 3.53 -8.27
C SER A 163 -11.14 3.50 -7.07
N PRO A 164 -12.20 2.70 -7.15
CA PRO A 164 -13.21 2.69 -6.07
C PRO A 164 -12.79 1.87 -4.84
N ILE A 165 -11.84 2.43 -4.09
CA ILE A 165 -11.34 1.85 -2.87
C ILE A 165 -12.21 2.34 -1.73
N ILE A 166 -13.05 1.44 -1.19
CA ILE A 166 -14.15 1.84 -0.30
C ILE A 166 -14.22 0.93 0.92
N PRO A 167 -14.01 1.49 2.12
CA PRO A 167 -14.16 0.69 3.34
C PRO A 167 -15.47 -0.05 3.44
N TYR A 168 -15.43 -1.26 4.00
CA TYR A 168 -16.59 -2.12 4.23
C TYR A 168 -17.23 -2.59 2.91
N ASN A 169 -16.50 -2.43 1.80
CA ASN A 169 -16.91 -2.82 0.47
C ASN A 169 -15.81 -3.75 -0.05
N TYR A 170 -16.20 -4.97 -0.37
CA TYR A 170 -15.25 -6.00 -0.81
C TYR A 170 -15.43 -6.34 -2.26
N LYS A 171 -16.23 -5.53 -2.97
CA LYS A 171 -16.58 -5.80 -4.35
C LYS A 171 -15.86 -4.81 -5.27
N GLU A 172 -16.37 -3.59 -5.34
CA GLU A 172 -15.75 -2.54 -6.16
C GLU A 172 -14.28 -2.33 -5.76
N THR A 173 -13.99 -2.52 -4.48
CA THR A 173 -12.62 -2.38 -3.92
C THR A 173 -11.62 -3.35 -4.58
N SER A 174 -12.12 -4.47 -5.12
CA SER A 174 -11.29 -5.44 -5.84
C SER A 174 -11.08 -5.15 -7.32
N TYR A 175 -11.77 -4.15 -7.88
CA TYR A 175 -11.83 -4.03 -9.35
C TYR A 175 -10.51 -3.54 -9.95
N PRO A 176 -10.09 -4.14 -11.07
CA PRO A 176 -8.95 -3.66 -11.86
C PRO A 176 -9.41 -2.56 -12.81
N VAL A 177 -9.65 -1.37 -12.28
CA VAL A 177 -10.21 -0.29 -13.06
C VAL A 177 -9.78 1.05 -12.46
N ALA A 178 -9.71 2.05 -13.34
CA ALA A 178 -9.44 3.42 -12.97
C ALA A 178 -10.32 4.33 -13.80
N VAL A 179 -10.78 5.43 -13.19
CA VAL A 179 -11.55 6.47 -13.85
C VAL A 179 -10.71 7.76 -13.93
N PHE A 180 -10.81 8.44 -15.08
CA PHE A 180 -10.16 9.71 -15.31
C PHE A 180 -11.24 10.71 -15.70
N LYS A 181 -11.66 11.51 -14.72
CA LYS A 181 -12.73 12.48 -14.88
C LYS A 181 -12.11 13.83 -15.20
N TRP A 182 -12.25 14.25 -16.45
CA TRP A 182 -11.67 15.48 -16.95
C TRP A 182 -12.62 16.65 -16.81
N THR A 183 -12.05 17.80 -16.46
CA THR A 183 -12.75 19.08 -16.42
C THR A 183 -11.98 20.05 -17.31
N ALA A 184 -12.69 20.75 -18.20
CA ALA A 184 -12.07 21.71 -19.10
C ALA A 184 -12.82 23.02 -18.99
N TYR A 185 -12.08 24.12 -18.86
CA TYR A 185 -12.67 25.46 -18.70
C TYR A 185 -11.96 26.47 -19.58
N ASN A 186 -12.75 27.32 -20.26
CA ASN A 186 -12.20 28.40 -21.10
C ASN A 186 -12.32 29.76 -20.40
N PRO A 187 -11.22 30.27 -19.83
CA PRO A 187 -11.24 31.59 -19.18
C PRO A 187 -11.04 32.76 -20.15
N THR A 188 -10.80 32.46 -21.43
CA THR A 188 -10.46 33.49 -22.40
C THR A 188 -11.71 34.01 -23.11
N ASN A 189 -11.53 35.00 -23.97
CA ASN A 189 -12.66 35.62 -24.68
C ASN A 189 -12.83 35.13 -26.11
N LYS A 190 -12.16 34.03 -26.47
CA LYS A 190 -12.33 33.42 -27.78
C LYS A 190 -12.79 31.97 -27.67
N ASN A 191 -13.46 31.49 -28.71
CA ASN A 191 -13.80 30.07 -28.80
C ASN A 191 -12.53 29.26 -28.97
N VAL A 192 -12.46 28.10 -28.33
CA VAL A 192 -11.31 27.23 -28.48
C VAL A 192 -11.77 25.81 -28.74
N ASP A 193 -11.24 25.21 -29.79
CA ASP A 193 -11.48 23.79 -30.06
C ASP A 193 -10.50 22.99 -29.23
N VAL A 194 -11.00 21.97 -28.54
CA VAL A 194 -10.17 21.19 -27.61
C VAL A 194 -10.35 19.71 -27.88
N SER A 195 -9.25 18.95 -27.84
CA SER A 195 -9.36 17.49 -27.84
C SER A 195 -8.50 16.92 -26.73
N ILE A 196 -9.00 15.85 -26.12
CA ILE A 196 -8.27 15.08 -25.12
C ILE A 196 -8.19 13.65 -25.66
N MET A 197 -6.98 13.09 -25.73
CA MET A 197 -6.75 11.74 -26.23
C MET A 197 -6.04 10.88 -25.21
N PHE A 198 -6.58 9.67 -25.03
CA PHE A 198 -6.01 8.63 -24.19
C PHE A 198 -5.40 7.60 -25.13
N THR A 199 -4.10 7.37 -24.99
CA THR A 199 -3.41 6.30 -25.72
C THR A 199 -2.98 5.21 -24.74
N TRP A 200 -3.01 3.97 -25.21
CA TRP A 200 -2.59 2.84 -24.40
C TRP A 200 -1.96 1.78 -25.29
N GLN A 201 -0.85 1.22 -24.83
CA GLN A 201 -0.20 0.09 -25.48
C GLN A 201 -0.92 -1.19 -25.15
N ASN A 202 -1.10 -2.05 -26.16
CA ASN A 202 -1.57 -3.41 -25.89
C ASN A 202 -0.47 -4.12 -25.14
N MET A 203 -0.63 -4.23 -23.83
CA MET A 203 0.43 -4.72 -22.96
C MET A 203 0.39 -6.22 -22.71
N ILE A 204 -0.43 -6.97 -23.45
CA ILE A 204 -0.40 -8.42 -23.29
C ILE A 204 0.99 -8.89 -23.72
N GLY A 205 1.64 -9.65 -22.85
CA GLY A 205 3.02 -10.04 -23.03
C GLY A 205 4.04 -9.20 -22.29
N PHE A 206 3.62 -8.07 -21.71
CA PHE A 206 4.52 -7.22 -20.90
C PHE A 206 5.21 -8.01 -19.80
N PHE A 207 4.48 -8.97 -19.21
CA PHE A 207 5.05 -9.96 -18.28
C PHE A 207 4.45 -11.33 -18.50
N GLY A 208 5.14 -12.36 -18.02
CA GLY A 208 4.56 -13.70 -17.94
C GLY A 208 4.67 -14.53 -19.20
N LYS A 209 5.17 -13.94 -20.27
CA LYS A 209 5.33 -14.58 -21.57
C LYS A 209 6.83 -14.73 -21.86
N GLN A 210 7.28 -15.97 -22.02
N GLN A 210 7.34 -15.96 -21.96
CA GLN A 210 8.71 -16.30 -22.10
CA GLN A 210 8.79 -16.19 -22.09
C GLN A 210 9.31 -16.01 -23.48
C GLN A 210 9.32 -15.93 -23.50
N VAL A 211 8.48 -16.09 -24.52
CA VAL A 211 8.88 -15.84 -25.91
C VAL A 211 7.77 -15.13 -26.70
N ASN A 212 8.14 -14.53 -27.83
CA ASN A 212 7.16 -13.95 -28.78
C ASN A 212 6.19 -12.98 -28.10
N VAL A 213 6.72 -11.95 -27.44
CA VAL A 213 5.92 -11.20 -26.44
C VAL A 213 4.75 -10.38 -26.98
N ASN A 214 4.81 -9.94 -28.23
CA ASN A 214 3.67 -9.26 -28.87
C ASN A 214 2.81 -10.15 -29.75
N SER A 215 3.27 -11.37 -29.99
CA SER A 215 2.65 -12.20 -31.02
C SER A 215 1.18 -12.50 -30.75
N GLY A 216 0.32 -12.17 -31.70
CA GLY A 216 -1.10 -12.45 -31.61
C GLY A 216 -1.89 -11.35 -30.94
N ASN A 217 -1.20 -10.29 -30.49
CA ASN A 217 -1.92 -9.16 -29.91
C ASN A 217 -2.75 -8.49 -30.99
N PHE A 218 -3.96 -8.08 -30.62
CA PHE A 218 -4.85 -7.38 -31.54
C PHE A 218 -5.79 -6.48 -30.77
N ASN A 219 -6.25 -5.45 -31.45
CA ASN A 219 -7.11 -4.45 -30.85
C ASN A 219 -8.45 -4.40 -31.55
N LYS A 220 -9.52 -4.26 -30.77
CA LYS A 220 -10.84 -4.05 -31.35
C LYS A 220 -11.54 -2.88 -30.71
N ILE A 221 -12.51 -2.31 -31.44
CA ILE A 221 -13.28 -1.18 -30.97
C ILE A 221 -14.71 -1.63 -30.66
N ILE A 222 -15.18 -1.27 -29.47
CA ILE A 222 -16.54 -1.52 -29.02
C ILE A 222 -17.28 -0.20 -28.98
N LYS A 223 -18.44 -0.16 -29.63
CA LYS A 223 -19.33 0.99 -29.56
C LYS A 223 -20.61 0.53 -28.91
N ASP A 224 -20.83 0.98 -27.68
CA ASP A 224 -22.00 0.59 -26.94
C ASP A 224 -22.95 1.76 -26.95
N LYS A 225 -23.97 1.67 -27.80
CA LYS A 225 -24.96 2.74 -27.96
C LYS A 225 -26.27 2.24 -27.42
N SER A 226 -26.79 2.94 -26.42
CA SER A 226 -28.13 2.70 -25.93
C SER A 226 -28.64 4.04 -25.40
N LYS A 227 -29.93 4.30 -25.56
CA LYS A 227 -30.53 5.58 -25.21
C LYS A 227 -29.79 6.30 -24.07
N ASP A 228 -29.37 7.54 -24.36
CA ASP A 228 -28.66 8.41 -23.39
C ASP A 228 -27.34 7.84 -22.90
N SER A 229 -26.77 6.96 -23.70
CA SER A 229 -25.48 6.41 -23.39
C SER A 229 -24.80 6.06 -24.71
N GLU A 230 -23.58 6.53 -24.84
CA GLU A 230 -22.71 5.98 -25.81
C GLU A 230 -21.38 5.84 -25.10
N ILE A 231 -20.85 4.64 -25.14
CA ILE A 231 -19.47 4.39 -24.72
C ILE A 231 -18.75 3.89 -25.95
N VAL A 232 -17.53 4.40 -26.13
CA VAL A 232 -16.63 3.90 -27.15
C VAL A 232 -15.35 3.48 -26.46
N ALA A 233 -14.91 2.25 -26.74
CA ALA A 233 -13.77 1.66 -26.04
C ALA A 233 -12.90 0.85 -26.98
N ALA A 234 -11.61 0.77 -26.65
CA ALA A 234 -10.69 -0.12 -27.34
C ALA A 234 -10.45 -1.27 -26.39
N VAL A 235 -10.49 -2.49 -26.92
CA VAL A 235 -10.14 -3.68 -26.18
C VAL A 235 -8.90 -4.29 -26.80
N MET A 236 -7.85 -4.39 -26.01
CA MET A 236 -6.53 -4.78 -26.45
C MET A 236 -6.23 -6.13 -25.84
N GLY A 237 -6.29 -7.15 -26.69
CA GLY A 237 -6.19 -8.52 -26.24
C GLY A 237 -5.26 -9.34 -27.11
N ASN A 238 -5.47 -10.65 -27.09
CA ASN A 238 -4.67 -11.58 -27.88
C ASN A 238 -5.61 -12.62 -28.49
N ILE A 239 -5.27 -13.09 -29.68
CA ILE A 239 -6.13 -14.06 -30.36
C ILE A 239 -6.19 -15.40 -29.63
N SER A 240 -5.21 -15.67 -28.78
CA SER A 240 -5.21 -16.89 -27.97
C SER A 240 -6.37 -16.90 -26.96
N ASN A 241 -7.04 -18.05 -26.84
CA ASN A 241 -8.02 -18.26 -25.78
C ASN A 241 -7.42 -19.03 -24.59
N ASP A 242 -6.11 -19.20 -24.59
CA ASP A 242 -5.40 -19.83 -23.47
C ASP A 242 -5.67 -19.11 -22.15
N ASN A 243 -5.79 -19.91 -21.09
CA ASN A 243 -5.98 -19.37 -19.76
C ASN A 243 -4.66 -19.45 -19.00
N GLU A 244 -3.90 -18.36 -19.06
CA GLU A 244 -2.55 -18.26 -18.48
C GLU A 244 -2.32 -16.88 -17.85
N GLU A 245 -1.33 -16.77 -16.98
CA GLU A 245 -1.03 -15.52 -16.27
C GLU A 245 -0.88 -14.34 -17.22
N TRP A 246 -0.29 -14.57 -18.39
CA TRP A 246 0.03 -13.47 -19.30
C TRP A 246 -1.17 -13.00 -20.13
N ASN A 247 -2.22 -13.81 -20.23
CA ASN A 247 -3.29 -13.53 -21.19
C ASN A 247 -4.45 -12.83 -20.51
N GLY A 248 -5.12 -11.99 -21.27
CA GLY A 248 -6.26 -11.22 -20.77
C GLY A 248 -6.49 -10.07 -21.73
N GLU A 249 -7.01 -8.97 -21.21
CA GLU A 249 -7.31 -7.80 -22.01
C GLU A 249 -7.08 -6.54 -21.22
N TYR A 250 -6.67 -5.48 -21.92
CA TYR A 250 -6.73 -4.12 -21.39
C TYR A 250 -7.81 -3.39 -22.18
N SER A 251 -8.47 -2.43 -21.54
CA SER A 251 -9.40 -1.59 -22.26
C SER A 251 -9.27 -0.13 -21.82
N ILE A 252 -9.35 0.78 -22.79
CA ILE A 252 -9.51 2.20 -22.50
C ILE A 252 -10.77 2.70 -23.21
N GLY A 253 -11.40 3.73 -22.67
CA GLY A 253 -12.61 4.20 -23.31
C GLY A 253 -13.13 5.47 -22.71
N VAL A 254 -14.23 5.95 -23.28
CA VAL A 254 -14.81 7.24 -22.90
C VAL A 254 -16.32 7.14 -23.02
N LYS A 255 -17.01 7.93 -22.20
CA LYS A 255 -18.47 8.02 -22.27
C LYS A 255 -18.83 9.35 -22.90
N LYS A 256 -19.73 9.32 -23.87
CA LYS A 256 -20.12 10.54 -24.53
C LYS A 256 -20.91 11.41 -23.57
N VAL A 257 -20.69 12.71 -23.66
CA VAL A 257 -21.48 13.69 -22.96
C VAL A 257 -21.93 14.73 -23.96
N PRO A 258 -22.98 15.49 -23.61
CA PRO A 258 -23.43 16.54 -24.52
C PRO A 258 -22.31 17.51 -24.87
N GLY A 259 -22.21 17.85 -26.16
CA GLY A 259 -21.23 18.81 -26.66
C GLY A 259 -19.88 18.23 -27.04
N VAL A 260 -19.70 16.92 -26.91
CA VAL A 260 -18.42 16.31 -27.29
C VAL A 260 -18.66 15.25 -28.34
N ASP A 261 -17.73 15.15 -29.27
CA ASP A 261 -17.71 14.08 -30.24
C ASP A 261 -16.58 13.14 -29.88
N ILE A 262 -16.71 11.86 -30.24
CA ILE A 262 -15.69 10.87 -29.96
C ILE A 262 -15.03 10.41 -31.25
N SER A 263 -13.70 10.32 -31.25
CA SER A 263 -13.02 9.66 -32.35
C SER A 263 -12.04 8.62 -31.80
N TYR A 264 -11.55 7.73 -32.66
CA TYR A 264 -10.67 6.66 -32.19
C TYR A 264 -9.71 6.20 -33.26
N LYS A 265 -8.67 5.50 -32.83
CA LYS A 265 -7.83 4.74 -33.76
C LYS A 265 -7.53 3.40 -33.13
N ALA A 266 -7.93 2.33 -33.80
CA ALA A 266 -7.82 1.01 -33.20
C ALA A 266 -6.39 0.54 -33.07
N LYS A 267 -5.55 0.87 -34.06
CA LYS A 267 -4.21 0.29 -34.12
C LYS A 267 -3.17 1.29 -34.56
N PHE A 268 -2.28 1.68 -33.65
CA PHE A 268 -1.05 2.36 -34.03
C PHE A 268 0.14 1.56 -33.53
N VAL A 269 1.30 1.75 -34.15
CA VAL A 269 2.48 0.95 -33.83
C VAL A 269 3.29 1.67 -32.76
N THR A 270 3.46 1.02 -31.62
CA THR A 270 4.18 1.61 -30.50
C THR A 270 5.70 1.51 -30.70
N THR A 271 6.12 0.53 -31.48
CA THR A 271 7.53 0.32 -31.81
C THR A 271 7.78 0.96 -33.18
N GLY A 272 7.37 2.21 -33.32
CA GLY A 272 7.63 3.02 -34.50
C GLY A 272 7.63 4.47 -34.06
N ASP A 273 7.60 5.39 -35.02
CA ASP A 273 7.73 6.81 -34.65
C ASP A 273 6.44 7.45 -34.14
N GLY A 274 5.33 6.71 -34.17
CA GLY A 274 4.05 7.22 -33.69
C GLY A 274 3.30 8.17 -34.59
N SER A 275 3.83 8.46 -35.78
CA SER A 275 3.22 9.46 -36.64
C SER A 275 1.96 8.95 -37.29
N ASP A 276 1.81 7.63 -37.36
CA ASP A 276 0.54 7.04 -37.83
C ASP A 276 -0.66 7.59 -37.05
N LEU A 277 -0.48 7.77 -35.74
CA LEU A 277 -1.46 8.42 -34.90
C LEU A 277 -1.30 9.95 -34.84
N TRP A 278 -0.09 10.41 -34.57
CA TRP A 278 0.12 11.83 -34.22
C TRP A 278 -0.19 12.78 -35.37
N HIS A 279 0.05 12.37 -36.62
CA HIS A 279 -0.27 13.25 -37.76
C HIS A 279 -1.75 13.59 -37.79
N GLU A 280 -2.59 12.67 -37.28
CA GLU A 280 -4.03 12.90 -37.21
C GLU A 280 -4.39 13.82 -36.05
N PHE A 281 -3.90 13.48 -34.86
CA PHE A 281 -4.25 14.21 -33.66
C PHE A 281 -3.73 15.66 -33.71
N SER A 282 -2.52 15.84 -34.23
CA SER A 282 -1.89 17.17 -34.21
C SER A 282 -2.50 18.13 -35.24
N LYS A 283 -3.17 17.60 -36.24
CA LYS A 283 -3.80 18.44 -37.28
C LYS A 283 -5.04 19.16 -36.74
N ASN A 284 -5.98 18.39 -36.21
CA ASN A 284 -7.24 18.94 -35.74
C ASN A 284 -7.83 18.25 -34.51
N GLY A 285 -7.04 17.41 -33.85
CA GLY A 285 -7.52 16.71 -32.66
C GLY A 285 -8.56 15.64 -32.92
N ILE A 286 -8.64 15.17 -34.16
CA ILE A 286 -9.65 14.19 -34.55
C ILE A 286 -8.96 12.99 -35.21
N LEU A 287 -9.28 11.80 -34.74
CA LEU A 287 -8.65 10.59 -35.24
C LEU A 287 -9.44 9.98 -36.40
N ASP A 288 -8.80 8.99 -37.05
CA ASP A 288 -9.32 8.43 -38.32
C ASP A 288 -10.52 7.50 -38.18
N ASN A 289 -10.84 7.05 -36.96
CA ASN A 289 -11.92 6.10 -36.72
C ASN A 289 -11.69 4.80 -37.50
N LYS A 290 -10.44 4.44 -37.66
CA LYS A 290 -10.06 3.27 -38.42
C LYS A 290 -10.04 2.05 -37.51
N ASP A 291 -10.97 1.15 -37.75
CA ASP A 291 -10.93 -0.17 -37.11
C ASP A 291 -9.95 -1.06 -37.86
N ASP A 292 -9.30 -1.96 -37.14
CA ASP A 292 -8.34 -2.87 -37.73
C ASP A 292 -7.95 -3.92 -36.71
N GLU A 293 -8.49 -5.13 -36.88
CA GLU A 293 -8.26 -6.23 -35.92
C GLU A 293 -7.09 -7.12 -36.30
N THR A 294 -6.27 -6.68 -37.25
CA THR A 294 -5.16 -7.48 -37.67
C THR A 294 -4.20 -7.72 -36.49
N PRO A 295 -3.93 -8.99 -36.16
CA PRO A 295 -3.00 -9.23 -35.08
C PRO A 295 -1.58 -8.89 -35.47
N THR A 296 -0.77 -8.54 -34.49
CA THR A 296 0.64 -8.22 -34.72
C THR A 296 1.50 -9.46 -34.54
N LYS A 297 2.74 -9.37 -35.03
CA LYS A 297 3.74 -10.42 -34.88
C LYS A 297 4.83 -9.93 -33.93
N GLN A 298 5.74 -9.08 -34.42
CA GLN A 298 6.84 -8.56 -33.61
C GLN A 298 6.57 -7.16 -33.08
N ASP A 299 5.89 -6.34 -33.87
CA ASP A 299 5.64 -4.94 -33.52
C ASP A 299 4.74 -4.84 -32.31
N GLY A 300 5.04 -3.86 -31.47
CA GLY A 300 4.12 -3.48 -30.41
C GLY A 300 3.03 -2.60 -30.99
N ILE A 301 1.82 -2.73 -30.46
CA ILE A 301 0.67 -1.98 -30.97
C ILE A 301 -0.10 -1.36 -29.81
N GLY A 302 -0.91 -0.36 -30.13
CA GLY A 302 -1.70 0.37 -29.13
C GLY A 302 -2.98 0.90 -29.75
N SER A 303 -3.83 1.48 -28.91
CA SER A 303 -5.07 2.10 -29.34
C SER A 303 -5.17 3.50 -28.77
N ALA A 304 -6.03 4.30 -29.40
CA ALA A 304 -6.26 5.68 -29.02
C ALA A 304 -7.75 5.97 -29.01
N ILE A 305 -8.20 6.64 -27.96
CA ILE A 305 -9.58 7.11 -27.80
C ILE A 305 -9.52 8.62 -27.54
N ALA A 306 -10.24 9.42 -28.33
CA ALA A 306 -10.22 10.87 -28.17
C ALA A 306 -11.61 11.48 -28.12
N VAL A 307 -11.71 12.65 -27.48
CA VAL A 307 -12.90 13.47 -27.59
C VAL A 307 -12.51 14.84 -28.10
N ASN A 308 -13.39 15.43 -28.88
CA ASN A 308 -13.20 16.79 -29.34
C ASN A 308 -14.46 17.61 -29.06
N PHE A 309 -14.25 18.85 -28.66
CA PHE A 309 -15.34 19.76 -28.35
C PHE A 309 -14.91 21.19 -28.50
N LYS A 310 -15.88 22.08 -28.62
CA LYS A 310 -15.63 23.51 -28.69
C LYS A 310 -16.08 24.14 -27.38
N LEU A 311 -15.20 24.91 -26.76
CA LEU A 311 -15.54 25.63 -25.53
C LEU A 311 -15.64 27.11 -25.84
N GLN A 312 -16.80 27.67 -25.56
CA GLN A 312 -17.02 29.10 -25.67
C GLN A 312 -16.44 29.80 -24.43
N PRO A 313 -16.19 31.12 -24.51
CA PRO A 313 -15.74 31.86 -23.34
C PRO A 313 -16.58 31.54 -22.11
N GLY A 314 -15.90 31.25 -20.99
CA GLY A 314 -16.57 30.96 -19.72
C GLY A 314 -17.22 29.60 -19.56
N GLN A 315 -17.05 28.72 -20.55
CA GLN A 315 -17.75 27.43 -20.55
C GLN A 315 -16.88 26.34 -19.92
N THR A 316 -17.54 25.45 -19.18
CA THR A 316 -16.92 24.28 -18.57
C THR A 316 -17.57 23.02 -19.10
N ILE A 317 -16.76 21.97 -19.31
CA ILE A 317 -17.31 20.68 -19.65
C ILE A 317 -16.56 19.60 -18.88
N GLU A 318 -17.28 18.53 -18.55
CA GLU A 318 -16.71 17.37 -17.84
C GLU A 318 -16.87 16.13 -18.72
N VAL A 319 -15.81 15.32 -18.81
CA VAL A 319 -15.90 14.10 -19.62
C VAL A 319 -15.10 12.98 -18.96
N PRO A 320 -15.71 11.79 -18.79
CA PRO A 320 -15.01 10.70 -18.13
C PRO A 320 -14.41 9.68 -19.09
N PHE A 321 -13.14 9.35 -18.87
CA PHE A 321 -12.47 8.23 -19.50
C PHE A 321 -12.26 7.16 -18.44
N ALA A 322 -11.92 5.95 -18.88
CA ALA A 322 -11.62 4.86 -17.96
C ALA A 322 -10.60 3.93 -18.57
N LEU A 323 -9.99 3.15 -17.69
CA LEU A 323 -9.01 2.11 -18.03
C LEU A 323 -9.35 0.87 -17.21
N SER A 324 -9.36 -0.30 -17.84
CA SER A 324 -9.52 -1.55 -17.11
C SER A 324 -8.50 -2.56 -17.59
N TRP A 325 -8.25 -3.55 -16.74
CA TRP A 325 -7.36 -4.66 -17.10
C TRP A 325 -7.92 -5.95 -16.56
N ASP A 326 -8.22 -6.88 -17.47
CA ASP A 326 -8.71 -8.19 -17.09
C ASP A 326 -7.59 -9.17 -17.32
N LEU A 327 -6.82 -9.39 -16.26
CA LEU A 327 -5.74 -10.39 -16.25
C LEU A 327 -6.11 -11.33 -15.11
N PRO A 328 -6.96 -12.33 -15.40
CA PRO A 328 -7.63 -13.07 -14.31
C PRO A 328 -6.74 -13.95 -13.45
N ILE A 329 -5.58 -14.35 -13.96
CA ILE A 329 -4.77 -15.37 -13.31
C ILE A 329 -3.48 -14.78 -12.79
N MET A 330 -3.20 -15.01 -11.52
CA MET A 330 -1.89 -14.70 -10.95
C MET A 330 -1.09 -15.99 -10.77
N LYS A 331 0.18 -15.95 -11.17
CA LYS A 331 1.06 -17.09 -10.98
C LYS A 331 2.19 -16.71 -10.04
N PHE A 332 2.50 -17.59 -9.09
CA PHE A 332 3.62 -17.39 -8.19
C PHE A 332 4.78 -18.29 -8.59
N GLY A 333 5.97 -17.93 -8.13
CA GLY A 333 7.21 -18.56 -8.59
C GLY A 333 7.30 -20.05 -8.32
N GLY A 334 6.61 -20.53 -7.29
CA GLY A 334 6.56 -21.96 -7.01
C GLY A 334 5.63 -22.76 -7.88
N GLY A 335 4.89 -22.09 -8.78
CA GLY A 335 4.08 -22.73 -9.81
C GLY A 335 2.57 -22.61 -9.67
N ASP A 336 2.07 -22.22 -8.50
CA ASP A 336 0.62 -22.14 -8.27
C ASP A 336 0.02 -21.00 -9.06
N LYS A 337 -1.15 -21.25 -9.64
CA LYS A 337 -1.93 -20.26 -10.36
C LYS A 337 -3.26 -20.11 -9.66
N TRP A 338 -3.65 -18.86 -9.42
CA TRP A 338 -4.89 -18.53 -8.72
C TRP A 338 -5.66 -17.49 -9.52
N TYR A 339 -6.98 -17.52 -9.40
CA TYR A 339 -7.79 -16.44 -9.94
C TYR A 339 -7.81 -15.28 -8.98
N LYS A 340 -7.84 -14.06 -9.53
CA LYS A 340 -7.89 -12.86 -8.71
C LYS A 340 -9.32 -12.59 -8.24
N MET A 341 -9.44 -11.88 -7.12
CA MET A 341 -10.76 -11.68 -6.47
C MET A 341 -11.83 -11.14 -7.42
N TYR A 342 -11.49 -10.13 -8.24
CA TYR A 342 -12.49 -9.47 -9.07
C TYR A 342 -13.20 -10.43 -10.03
N THR A 343 -12.58 -11.58 -10.32
CA THR A 343 -13.18 -12.55 -11.23
C THR A 343 -14.53 -13.08 -10.68
N LYS A 344 -14.74 -12.97 -9.38
CA LYS A 344 -16.05 -13.29 -8.81
C LYS A 344 -17.16 -12.48 -9.44
N TYR A 345 -16.86 -11.24 -9.79
CA TYR A 345 -17.85 -10.29 -10.24
C TYR A 345 -17.95 -10.18 -11.76
N PHE A 346 -16.88 -10.55 -12.48
CA PHE A 346 -16.86 -10.35 -13.95
C PHE A 346 -16.56 -11.59 -14.77
N GLY A 347 -16.18 -12.68 -14.12
CA GLY A 347 -15.83 -13.91 -14.79
C GLY A 347 -14.33 -14.16 -14.83
N LYS A 348 -13.97 -15.36 -15.26
CA LYS A 348 -12.59 -15.88 -15.17
C LYS A 348 -11.87 -16.06 -16.52
N ASN A 349 -12.59 -15.87 -17.63
CA ASN A 349 -12.03 -16.19 -18.96
C ASN A 349 -11.08 -15.17 -19.57
N GLY A 350 -10.91 -14.02 -18.91
CA GLY A 350 -9.98 -13.01 -19.38
C GLY A 350 -10.46 -12.26 -20.62
N LYS A 351 -11.75 -12.30 -20.90
CA LYS A 351 -12.30 -11.57 -22.04
C LYS A 351 -13.39 -10.59 -21.59
N ASN A 352 -13.18 -9.95 -20.44
CA ASN A 352 -14.19 -9.14 -19.80
C ASN A 352 -13.78 -7.70 -19.51
N SER A 353 -12.72 -7.21 -20.17
CA SER A 353 -12.27 -5.85 -19.88
C SER A 353 -13.31 -4.79 -20.19
N PHE A 354 -14.08 -4.98 -21.26
CA PHE A 354 -15.08 -3.99 -21.60
C PHE A 354 -16.17 -3.91 -20.54
N ALA A 355 -16.60 -5.05 -20.03
CA ALA A 355 -17.62 -5.09 -18.98
C ALA A 355 -17.18 -4.30 -17.74
N ILE A 356 -15.90 -4.43 -17.40
CA ILE A 356 -15.36 -3.72 -16.24
C ILE A 356 -15.32 -2.22 -16.49
N LEU A 357 -14.83 -1.85 -17.66
CA LEU A 357 -14.79 -0.46 -18.11
C LEU A 357 -16.18 0.18 -18.11
N LYS A 358 -17.15 -0.55 -18.63
CA LYS A 358 -18.51 -0.04 -18.75
C LYS A 358 -19.12 0.23 -17.35
N GLU A 359 -18.92 -0.70 -16.44
N GLU A 359 -18.92 -0.69 -16.42
CA GLU A 359 -19.39 -0.55 -15.07
CA GLU A 359 -19.44 -0.47 -15.08
C GLU A 359 -18.82 0.73 -14.44
C GLU A 359 -18.84 0.81 -14.52
N ALA A 360 -17.55 1.02 -14.72
CA ALA A 360 -16.89 2.22 -14.21
C ALA A 360 -17.44 3.49 -14.83
N LEU A 361 -17.56 3.49 -16.16
CA LEU A 361 -18.04 4.69 -16.84
C LEU A 361 -19.49 5.03 -16.48
N ASN A 362 -20.28 4.02 -16.16
CA ASN A 362 -21.69 4.23 -15.81
C ASN A 362 -21.94 4.48 -14.33
N ASN A 363 -20.95 4.25 -13.48
CA ASN A 363 -21.14 4.38 -12.03
C ASN A 363 -20.11 5.23 -11.30
N TYR A 364 -19.24 5.91 -12.02
CA TYR A 364 -18.13 6.62 -11.37
C TYR A 364 -18.61 7.73 -10.43
N GLN A 365 -19.73 8.39 -10.75
CA GLN A 365 -20.22 9.48 -9.90
C GLN A 365 -20.66 8.94 -8.54
N LYS A 366 -21.31 7.77 -8.54
CA LYS A 366 -21.64 7.09 -7.31
C LYS A 366 -20.39 6.73 -6.51
N TRP A 367 -19.38 6.24 -7.20
CA TRP A 367 -18.13 5.87 -6.52
C TRP A 367 -17.44 7.07 -5.87
N GLU A 368 -17.43 8.20 -6.57
CA GLU A 368 -16.87 9.43 -6.00
C GLU A 368 -17.55 9.79 -4.69
N LYS A 369 -18.86 9.65 -4.66
CA LYS A 369 -19.65 9.99 -3.47
C LYS A 369 -19.35 9.03 -2.34
N MET A 370 -19.18 7.75 -2.65
CA MET A 370 -18.85 6.75 -1.65
C MET A 370 -17.48 7.03 -1.03
N ILE A 371 -16.54 7.47 -1.85
CA ILE A 371 -15.20 7.84 -1.36
C ILE A 371 -15.29 9.09 -0.50
N ASP A 372 -16.01 10.10 -0.96
CA ASP A 372 -16.23 11.32 -0.16
C ASP A 372 -16.88 10.99 1.18
N ASP A 373 -17.85 10.08 1.18
CA ASP A 373 -18.56 9.72 2.39
C ASP A 373 -17.65 9.10 3.45
N TRP A 374 -16.66 8.30 3.02
CA TRP A 374 -15.77 7.72 4.00
CA TRP A 374 -15.72 7.68 3.96
C TRP A 374 -14.63 8.66 4.42
N GLN A 375 -14.21 9.55 3.53
CA GLN A 375 -13.13 10.50 3.88
C GLN A 375 -13.66 11.67 4.73
N LYS A 376 -14.95 11.96 4.63
CA LYS A 376 -15.52 13.16 5.22
C LYS A 376 -15.40 13.29 6.73
N PRO A 377 -15.62 12.18 7.47
CA PRO A 377 -15.51 12.32 8.94
C PRO A 377 -14.15 12.81 9.41
N ILE A 378 -13.09 12.40 8.74
CA ILE A 378 -11.77 12.87 9.07
C ILE A 378 -11.53 14.26 8.49
N LEU A 379 -11.85 14.46 7.22
CA LEU A 379 -11.57 15.74 6.59
C LEU A 379 -12.34 16.88 7.24
N SER A 380 -13.56 16.60 7.69
CA SER A 380 -14.39 17.64 8.33
C SER A 380 -14.02 17.94 9.78
N ASN A 381 -13.12 17.17 10.37
CA ASN A 381 -12.69 17.41 11.75
C ASN A 381 -11.60 18.47 11.77
N LYS A 382 -12.00 19.70 12.08
CA LYS A 382 -11.10 20.84 12.04
C LYS A 382 -10.17 20.91 13.26
N SER A 383 -10.28 19.97 14.19
CA SER A 383 -9.30 19.88 15.27
C SER A 383 -8.01 19.20 14.83
N LYS A 384 -8.06 18.47 13.72
CA LYS A 384 -6.87 17.76 13.23
C LYS A 384 -6.17 18.55 12.14
N PRO A 385 -4.85 18.68 12.25
CA PRO A 385 -4.09 19.40 11.23
C PRO A 385 -4.14 18.73 9.87
N ASP A 386 -4.08 19.52 8.81
CA ASP A 386 -4.12 18.94 7.47
C ASP A 386 -2.95 17.99 7.19
N TRP A 387 -1.75 18.25 7.74
CA TRP A 387 -0.62 17.37 7.44
C TRP A 387 -0.90 15.95 7.90
N TYR A 388 -1.62 15.83 9.02
CA TYR A 388 -1.96 14.53 9.57
C TYR A 388 -2.91 13.79 8.64
N LYS A 389 -3.86 14.52 8.07
CA LYS A 389 -4.79 13.97 7.10
C LYS A 389 -4.09 13.53 5.82
N THR A 390 -3.12 14.31 5.38
CA THR A 390 -2.28 13.94 4.23
C THR A 390 -1.66 12.58 4.41
N ALA A 391 -1.03 12.37 5.58
CA ALA A 391 -0.40 11.09 5.87
C ALA A 391 -1.42 9.97 6.07
N LEU A 392 -2.46 10.25 6.85
CA LEU A 392 -3.43 9.21 7.15
C LEU A 392 -4.00 8.58 5.88
N PHE A 393 -4.42 9.41 4.93
CA PHE A 393 -4.99 8.86 3.71
C PHE A 393 -3.93 8.35 2.76
N ASN A 394 -2.85 9.07 2.56
CA ASN A 394 -1.89 8.62 1.55
C ASN A 394 -1.11 7.39 1.96
N GLU A 395 -0.91 7.13 3.26
CA GLU A 395 -0.27 5.87 3.68
C GLU A 395 -1.06 4.64 3.20
N LEU A 396 -2.37 4.79 3.01
CA LEU A 396 -3.19 3.69 2.58
C LEU A 396 -2.89 3.20 1.17
N TYR A 397 -2.08 3.96 0.41
CA TYR A 397 -1.65 3.52 -0.92
C TYR A 397 -1.12 2.08 -0.82
N TYR A 398 -0.47 1.74 0.30
CA TYR A 398 0.19 0.45 0.41
C TYR A 398 -0.78 -0.74 0.43
N LEU A 399 -2.01 -0.53 0.87
CA LEU A 399 -2.99 -1.63 0.87
C LEU A 399 -3.18 -2.17 -0.53
N ALA A 400 -3.17 -1.28 -1.52
CA ALA A 400 -3.26 -1.69 -2.92
C ALA A 400 -1.88 -1.99 -3.53
N ASP A 401 -0.88 -1.20 -3.18
CA ASP A 401 0.43 -1.27 -3.84
C ASP A 401 1.36 -2.30 -3.23
N GLY A 402 0.93 -3.00 -2.19
CA GLY A 402 1.81 -3.94 -1.51
C GLY A 402 1.78 -5.37 -2.00
N GLY A 403 1.75 -5.56 -3.32
CA GLY A 403 1.79 -6.91 -3.90
C GLY A 403 0.58 -7.73 -3.53
N THR A 404 -0.53 -7.05 -3.30
CA THR A 404 -1.68 -7.61 -2.63
C THR A 404 -2.29 -8.77 -3.43
N ALA A 405 -2.47 -9.91 -2.76
CA ALA A 405 -2.99 -11.10 -3.39
C ALA A 405 -4.31 -11.48 -2.73
N TRP A 406 -5.33 -11.75 -3.54
CA TRP A 406 -6.67 -12.02 -3.00
C TRP A 406 -7.32 -12.99 -3.95
N GLU A 407 -7.37 -14.27 -3.56
CA GLU A 407 -7.70 -15.34 -4.51
C GLU A 407 -9.16 -15.73 -4.53
N ASN A 408 -9.62 -16.10 -5.73
CA ASN A 408 -10.96 -16.59 -5.98
C ASN A 408 -10.87 -17.96 -6.64
N GLY A 409 -10.05 -18.81 -6.05
CA GLY A 409 -9.86 -20.19 -6.49
C GLY A 409 -8.52 -20.47 -7.11
N LYS A 410 -8.03 -21.68 -6.91
CA LYS A 410 -6.84 -22.16 -7.58
C LYS A 410 -7.26 -22.61 -8.99
N VAL A 411 -6.43 -22.32 -9.98
CA VAL A 411 -6.75 -22.68 -11.35
C VAL A 411 -6.81 -24.22 -11.42
N GLY A 412 -7.90 -24.74 -11.97
CA GLY A 412 -8.11 -26.19 -12.08
C GLY A 412 -8.85 -26.86 -10.92
N GLU A 413 -9.15 -26.14 -9.85
CA GLU A 413 -9.66 -26.77 -8.63
C GLU A 413 -11.15 -27.08 -8.70
N LYS A 416 -15.15 -25.30 -4.98
CA LYS A 416 -15.13 -23.91 -4.54
C LYS A 416 -15.24 -23.81 -3.02
N ARG A 417 -14.46 -22.90 -2.45
CA ARG A 417 -14.43 -22.70 -1.01
C ARG A 417 -15.26 -21.48 -0.62
N THR A 418 -15.53 -21.35 0.67
CA THR A 418 -16.36 -20.25 1.18
C THR A 418 -15.59 -18.94 1.26
N ASN A 419 -14.29 -19.04 1.53
CA ASN A 419 -13.47 -17.87 1.79
C ASN A 419 -12.45 -17.61 0.70
N ASN A 420 -11.96 -16.39 0.69
CA ASN A 420 -11.00 -15.95 -0.32
C ASN A 420 -9.75 -15.54 0.43
N MET A 421 -8.67 -16.28 0.26
CA MET A 421 -7.46 -16.01 1.02
C MET A 421 -6.82 -14.70 0.54
N PHE A 422 -6.13 -14.04 1.46
CA PHE A 422 -5.60 -12.68 1.25
C PHE A 422 -4.20 -12.58 1.77
N GLY A 423 -3.40 -11.74 1.13
CA GLY A 423 -2.09 -11.43 1.64
C GLY A 423 -1.54 -10.10 1.14
N LEU A 424 -0.98 -9.34 2.07
CA LEU A 424 -0.28 -8.08 1.81
C LEU A 424 1.20 -8.34 2.10
N LEU A 425 2.08 -7.94 1.19
CA LEU A 425 3.52 -8.09 1.44
C LEU A 425 4.06 -7.24 2.56
N GLU A 426 5.08 -7.77 3.23
CA GLU A 426 5.90 -6.96 4.12
C GLU A 426 6.49 -5.79 3.34
N CYS A 427 7.14 -6.11 2.22
CA CYS A 427 7.62 -5.15 1.22
C CYS A 427 8.11 -5.96 0.03
N PHE A 428 8.76 -5.30 -0.93
CA PHE A 428 9.25 -6.01 -2.13
C PHE A 428 10.67 -6.53 -1.95
N ASP A 429 11.49 -5.82 -1.18
CA ASP A 429 12.86 -6.28 -0.90
C ASP A 429 12.85 -7.55 -0.05
N TYR A 430 11.89 -7.63 0.86
CA TYR A 430 11.70 -8.78 1.73
C TYR A 430 10.31 -9.30 1.41
N ASN A 431 10.26 -10.15 0.40
CA ASN A 431 9.03 -10.54 -0.26
C ASN A 431 8.30 -11.66 0.47
N TYR A 432 7.70 -11.30 1.60
CA TYR A 432 6.99 -12.21 2.50
C TYR A 432 5.57 -11.71 2.73
N TYR A 433 4.60 -12.61 2.60
CA TYR A 433 3.19 -12.27 2.82
C TYR A 433 2.81 -12.28 4.28
N GLU A 434 2.23 -11.16 4.70
CA GLU A 434 1.59 -11.02 6.03
C GLU A 434 2.53 -11.19 7.23
N THR A 435 3.80 -10.84 7.07
CA THR A 435 4.77 -10.98 8.14
C THR A 435 4.14 -10.53 9.45
N LEU A 436 3.97 -11.47 10.38
CA LEU A 436 3.06 -11.22 11.49
C LEU A 436 3.62 -10.23 12.49
N ASP A 437 4.94 -10.24 12.69
CA ASP A 437 5.58 -9.31 13.62
C ASP A 437 5.48 -7.87 13.13
N VAL A 438 5.29 -7.72 11.81
CA VAL A 438 5.10 -6.44 11.13
C VAL A 438 3.62 -6.08 11.07
N ARG A 439 2.76 -7.05 10.77
CA ARG A 439 1.31 -6.79 10.62
C ARG A 439 0.70 -6.38 11.98
N PHE A 440 1.34 -6.76 13.07
CA PHE A 440 1.00 -6.27 14.40
C PHE A 440 0.87 -4.73 14.39
N TYR A 441 1.74 -4.08 13.63
CA TYR A 441 1.68 -2.64 13.40
C TYR A 441 0.85 -2.29 12.16
N GLY A 442 1.12 -2.99 11.06
CA GLY A 442 0.64 -2.56 9.75
C GLY A 442 -0.80 -2.92 9.38
N SER A 443 -1.46 -3.73 10.19
CA SER A 443 -2.80 -4.21 9.83
C SER A 443 -3.97 -3.34 10.36
N PHE A 444 -3.67 -2.23 11.01
CA PHE A 444 -4.72 -1.35 11.53
C PHE A 444 -5.75 -0.92 10.49
N PRO A 445 -5.32 -0.53 9.28
CA PRO A 445 -6.36 -0.19 8.31
C PRO A 445 -7.29 -1.35 7.95
N LEU A 446 -6.78 -2.57 7.90
CA LEU A 446 -7.65 -3.70 7.59
C LEU A 446 -8.68 -3.94 8.69
N VAL A 447 -8.28 -3.96 9.95
CA VAL A 447 -9.26 -4.21 11.00
C VAL A 447 -10.27 -3.06 11.06
N MET A 448 -9.80 -1.83 10.82
CA MET A 448 -10.67 -0.66 10.98
C MET A 448 -11.60 -0.43 9.80
N LEU A 449 -11.15 -0.78 8.61
CA LEU A 449 -11.83 -0.42 7.36
C LEU A 449 -12.27 -1.59 6.48
N TRP A 450 -11.60 -2.73 6.60
CA TRP A 450 -11.95 -3.96 5.86
C TRP A 450 -11.88 -5.17 6.76
N PRO A 451 -12.69 -5.17 7.83
CA PRO A 451 -12.49 -6.17 8.86
C PRO A 451 -12.74 -7.62 8.42
N ASP A 452 -13.54 -7.87 7.39
CA ASP A 452 -13.72 -9.27 6.94
C ASP A 452 -12.42 -9.82 6.34
N ILE A 453 -11.62 -8.96 5.70
CA ILE A 453 -10.30 -9.35 5.23
C ILE A 453 -9.39 -9.63 6.42
N GLU A 454 -9.38 -8.73 7.39
CA GLU A 454 -8.53 -8.90 8.56
C GLU A 454 -8.79 -10.21 9.29
N LYS A 455 -10.06 -10.55 9.51
CA LYS A 455 -10.39 -11.79 10.22
C LYS A 455 -10.02 -13.01 9.40
N GLN A 456 -10.20 -12.95 8.08
CA GLN A 456 -9.75 -14.03 7.20
C GLN A 456 -8.24 -14.25 7.33
N VAL A 457 -7.46 -13.17 7.31
CA VAL A 457 -6.01 -13.30 7.47
C VAL A 457 -5.66 -13.96 8.81
N MET A 458 -6.34 -13.55 9.88
CA MET A 458 -6.06 -14.16 11.17
C MET A 458 -6.47 -15.63 11.24
N ARG A 459 -7.55 -16.00 10.57
CA ARG A 459 -7.94 -17.43 10.51
C ARG A 459 -6.88 -18.23 9.72
N GLN A 460 -6.33 -17.62 8.67
CA GLN A 460 -5.18 -18.22 7.97
C GLN A 460 -4.05 -18.55 8.95
N PHE A 461 -3.70 -17.61 9.82
CA PHE A 461 -2.66 -17.87 10.82
C PHE A 461 -3.08 -18.95 11.83
N ALA A 462 -4.32 -18.87 12.32
CA ALA A 462 -4.85 -19.90 13.23
C ALA A 462 -4.66 -21.30 12.64
N ASP A 463 -5.01 -21.46 11.37
CA ASP A 463 -4.91 -22.76 10.72
C ASP A 463 -3.48 -23.32 10.66
N THR A 464 -2.46 -22.48 10.77
CA THR A 464 -1.06 -22.92 10.68
C THR A 464 -0.46 -23.33 12.01
N ILE A 465 -1.15 -23.04 13.12
CA ILE A 465 -0.53 -23.18 14.45
C ILE A 465 0.14 -24.54 14.64
N ASN A 466 -0.59 -25.61 14.33
CA ASN A 466 -0.10 -26.96 14.60
C ASN A 466 0.52 -27.65 13.39
N VAL A 467 0.71 -26.90 12.31
CA VAL A 467 1.47 -27.41 11.18
C VAL A 467 2.91 -27.70 11.61
N GLN A 468 3.44 -28.84 11.19
N GLN A 468 3.40 -28.84 11.15
CA GLN A 468 4.83 -29.18 11.47
CA GLN A 468 4.76 -29.26 11.37
C GLN A 468 5.52 -29.61 10.18
C GLN A 468 5.41 -29.45 10.01
N ASP A 469 6.63 -28.94 9.86
CA ASP A 469 7.43 -29.23 8.68
C ASP A 469 8.84 -29.46 9.20
N SER A 470 9.24 -30.74 9.24
CA SER A 470 10.47 -31.15 9.86
C SER A 470 11.67 -31.03 8.93
N SER A 471 11.44 -30.70 7.66
CA SER A 471 12.55 -30.40 6.76
C SER A 471 13.31 -29.20 7.29
N GLU A 472 14.58 -29.10 6.94
CA GLU A 472 15.46 -28.10 7.53
C GLU A 472 15.89 -27.03 6.52
N PHE A 473 16.22 -25.85 7.05
CA PHE A 473 16.71 -24.75 6.23
C PHE A 473 17.93 -24.14 6.92
N LYS A 474 18.77 -23.49 6.12
CA LYS A 474 19.93 -22.82 6.63
C LYS A 474 19.55 -21.41 7.13
N VAL A 475 19.80 -21.16 8.40
CA VAL A 475 19.56 -19.85 9.01
C VAL A 475 20.62 -18.87 8.51
N GLY A 476 20.17 -17.78 7.90
CA GLY A 476 21.07 -16.83 7.26
C GLY A 476 22.06 -16.16 8.19
N SER A 477 21.63 -15.82 9.39
CA SER A 477 22.46 -15.02 10.32
C SER A 477 23.66 -15.79 10.86
N ASN A 478 23.53 -17.09 11.01
CA ASN A 478 24.59 -17.90 11.65
C ASN A 478 25.03 -19.15 10.88
N GLY A 479 24.32 -19.49 9.81
CA GLY A 479 24.65 -20.66 8.98
C GLY A 479 24.21 -22.00 9.54
N ALA A 480 23.50 -21.98 10.66
CA ALA A 480 23.03 -23.20 11.28
C ALA A 480 21.79 -23.70 10.57
N MET A 481 21.53 -25.00 10.71
CA MET A 481 20.33 -25.61 10.17
C MET A 481 19.22 -25.61 11.22
N ALA A 482 17.99 -25.37 10.78
CA ALA A 482 16.83 -25.38 11.68
C ALA A 482 15.60 -25.93 11.00
N VAL A 483 14.70 -26.48 11.80
CA VAL A 483 13.42 -27.01 11.36
C VAL A 483 12.56 -25.85 10.81
N LYS A 484 11.93 -26.09 9.67
CA LYS A 484 11.16 -25.07 8.96
C LYS A 484 9.96 -24.55 9.77
N LYS A 485 9.20 -25.46 10.34
CA LYS A 485 7.99 -25.07 11.06
C LYS A 485 7.73 -26.03 12.20
N VAL A 486 7.68 -25.48 13.41
CA VAL A 486 7.49 -26.24 14.64
C VAL A 486 6.04 -26.19 15.09
N GLN A 487 5.48 -27.33 15.50
CA GLN A 487 4.10 -27.38 16.01
C GLN A 487 3.94 -26.44 17.19
N GLY A 488 2.90 -25.61 17.12
CA GLY A 488 2.55 -24.71 18.21
C GLY A 488 3.21 -23.34 18.13
N MET A 489 4.09 -23.14 17.15
CA MET A 489 4.73 -21.86 16.95
C MET A 489 4.06 -21.18 15.76
N ILE A 490 3.66 -19.93 15.95
CA ILE A 490 3.04 -19.16 14.86
C ILE A 490 4.12 -18.87 13.82
N PRO A 491 3.77 -18.96 12.53
CA PRO A 491 4.77 -18.67 11.51
C PRO A 491 5.05 -17.18 11.39
N HIS A 492 6.27 -16.87 10.98
CA HIS A 492 6.68 -15.51 10.64
C HIS A 492 5.85 -14.92 9.49
N ASP A 493 5.55 -15.73 8.49
CA ASP A 493 4.92 -15.25 7.26
C ASP A 493 4.19 -16.39 6.56
N LEU A 494 3.39 -16.04 5.57
CA LEU A 494 2.58 -17.02 4.85
C LEU A 494 3.15 -17.27 3.46
N GLY A 495 4.46 -17.10 3.34
CA GLY A 495 5.17 -17.44 2.11
C GLY A 495 5.59 -16.24 1.30
N SER A 496 6.13 -16.52 0.13
CA SER A 496 6.67 -15.52 -0.76
C SER A 496 6.08 -15.60 -2.16
N SER A 497 5.94 -14.47 -2.85
CA SER A 497 5.42 -14.50 -4.23
C SER A 497 6.37 -15.24 -5.18
N TYR A 498 7.62 -15.40 -4.76
CA TYR A 498 8.61 -16.17 -5.54
C TYR A 498 8.43 -17.68 -5.36
N ALA A 499 7.60 -18.08 -4.39
CA ALA A 499 7.40 -19.47 -4.03
C ALA A 499 5.89 -19.76 -3.98
N LEU A 500 5.33 -20.13 -2.83
CA LEU A 500 3.93 -20.56 -2.78
C LEU A 500 3.15 -19.91 -1.63
N PRO A 501 2.65 -18.69 -1.89
CA PRO A 501 1.84 -18.02 -0.87
C PRO A 501 0.70 -18.91 -0.39
N TRP A 502 0.49 -18.88 0.93
CA TRP A 502 -0.58 -19.60 1.64
C TRP A 502 -0.33 -21.08 1.81
N ILE A 503 0.61 -21.61 1.06
CA ILE A 503 0.85 -23.05 1.00
C ILE A 503 2.18 -23.39 1.68
N LYS A 504 3.25 -22.71 1.31
CA LYS A 504 4.55 -22.85 1.94
C LYS A 504 4.86 -21.63 2.79
N ILE A 505 4.66 -21.80 4.09
CA ILE A 505 4.84 -20.71 5.05
C ILE A 505 6.30 -20.60 5.53
N ASN A 506 6.61 -19.55 6.28
CA ASN A 506 7.96 -19.27 6.77
C ASN A 506 9.00 -19.22 5.64
N ALA A 507 8.73 -18.40 4.64
CA ALA A 507 9.73 -18.17 3.60
C ALA A 507 10.94 -17.44 4.14
N TYR A 508 10.75 -16.58 5.15
CA TYR A 508 11.83 -15.88 5.82
C TYR A 508 12.84 -16.84 6.45
N ASP A 509 14.11 -16.55 6.25
CA ASP A 509 15.17 -17.41 6.79
C ASP A 509 16.39 -16.72 7.39
N TRP A 510 16.37 -15.39 7.57
CA TRP A 510 17.51 -14.71 8.17
C TRP A 510 17.72 -15.14 9.63
N GLN A 511 16.61 -15.30 10.35
CA GLN A 511 16.59 -15.90 11.68
C GLN A 511 15.60 -17.06 11.65
N ASN A 512 15.62 -17.88 12.70
CA ASN A 512 14.64 -18.95 12.85
C ASN A 512 13.41 -18.44 13.60
N PRO A 513 12.30 -18.17 12.88
CA PRO A 513 11.12 -17.63 13.57
C PRO A 513 10.46 -18.57 14.56
N ASN A 514 10.79 -19.86 14.53
CA ASN A 514 10.22 -20.82 15.47
C ASN A 514 10.71 -20.63 16.90
N ILE A 515 11.76 -19.83 17.08
CA ILE A 515 12.19 -19.44 18.42
C ILE A 515 11.95 -17.96 18.72
N TRP A 516 11.21 -17.25 17.87
CA TRP A 516 10.94 -15.85 18.19
C TRP A 516 10.04 -15.71 19.42
N LYS A 517 10.25 -14.64 20.17
CA LYS A 517 9.55 -14.46 21.44
C LYS A 517 8.38 -13.48 21.31
N ASP A 518 8.24 -12.83 20.14
CA ASP A 518 7.10 -11.91 19.91
C ASP A 518 5.96 -12.46 19.06
N LEU A 519 6.20 -13.44 18.19
CA LEU A 519 5.17 -13.86 17.24
C LEU A 519 3.95 -14.46 17.93
N ASN A 520 4.18 -15.38 18.86
CA ASN A 520 3.05 -16.03 19.52
C ASN A 520 2.18 -15.06 20.33
N SER A 521 2.82 -14.12 21.02
CA SER A 521 2.11 -13.10 21.80
C SER A 521 1.41 -12.07 20.90
N LYS A 522 2.10 -11.63 19.86
CA LYS A 522 1.48 -10.71 18.90
C LYS A 522 0.27 -11.34 18.23
N TYR A 523 0.37 -12.64 17.93
CA TYR A 523 -0.77 -13.35 17.35
C TYR A 523 -2.01 -13.26 18.25
N VAL A 524 -1.82 -13.55 19.52
CA VAL A 524 -2.91 -13.49 20.49
C VAL A 524 -3.49 -12.06 20.59
N LEU A 525 -2.59 -11.08 20.67
CA LEU A 525 -2.99 -9.66 20.73
C LEU A 525 -3.77 -9.21 19.50
N LEU A 526 -3.33 -9.65 18.32
CA LEU A 526 -4.07 -9.41 17.09
C LEU A 526 -5.46 -10.04 17.11
N VAL A 527 -5.57 -11.26 17.62
CA VAL A 527 -6.86 -11.90 17.69
C VAL A 527 -7.80 -11.07 18.56
N TYR A 528 -7.34 -10.71 19.75
CA TYR A 528 -8.24 -9.99 20.67
C TYR A 528 -8.53 -8.59 20.12
N ARG A 529 -7.53 -7.95 19.54
CA ARG A 529 -7.73 -6.66 18.88
C ARG A 529 -8.87 -6.74 17.88
N ASP A 530 -8.86 -7.79 17.05
CA ASP A 530 -9.82 -7.93 15.98
C ASP A 530 -11.25 -8.14 16.50
N TYR A 531 -11.37 -8.77 17.67
CA TYR A 531 -12.66 -8.87 18.37
C TYR A 531 -13.10 -7.51 18.94
N VAL A 532 -12.19 -6.82 19.61
CA VAL A 532 -12.52 -5.54 20.25
C VAL A 532 -12.89 -4.45 19.24
N LEU A 533 -12.08 -4.30 18.21
CA LEU A 533 -12.26 -3.21 17.26
C LEU A 533 -13.35 -3.48 16.23
N THR A 534 -13.98 -4.64 16.27
CA THR A 534 -15.19 -4.89 15.49
C THR A 534 -16.44 -5.03 16.37
N GLY A 535 -16.38 -4.52 17.59
CA GLY A 535 -17.58 -4.34 18.42
C GLY A 535 -17.77 -5.30 19.57
N LYS A 536 -16.78 -6.14 19.86
CA LYS A 536 -16.91 -7.18 20.89
C LYS A 536 -18.17 -8.06 20.69
N THR A 537 -18.48 -8.38 19.45
CA THR A 537 -19.63 -9.22 19.14
C THR A 537 -19.29 -10.54 18.47
N ASP A 538 -18.08 -10.67 17.91
CA ASP A 538 -17.76 -11.82 17.08
C ASP A 538 -17.20 -12.98 17.91
N LYS A 539 -18.10 -13.61 18.68
CA LYS A 539 -17.75 -14.77 19.48
CA LYS A 539 -17.73 -14.76 19.49
C LYS A 539 -17.27 -15.94 18.61
N GLU A 540 -17.87 -16.06 17.42
CA GLU A 540 -17.51 -17.10 16.45
C GLU A 540 -16.01 -17.02 16.09
N PHE A 541 -15.53 -15.80 15.85
CA PHE A 541 -14.11 -15.57 15.56
C PHE A 541 -13.23 -15.97 16.75
N LEU A 542 -13.63 -15.63 17.98
CA LEU A 542 -12.87 -16.06 19.15
C LEU A 542 -12.90 -17.59 19.28
N LYS A 543 -14.05 -18.20 19.02
CA LYS A 543 -14.16 -19.66 19.08
C LYS A 543 -13.25 -20.34 18.06
N TYR A 544 -13.23 -19.82 16.84
CA TYR A 544 -12.40 -20.38 15.78
C TYR A 544 -10.92 -20.38 16.17
N THR A 545 -10.47 -19.30 16.81
CA THR A 545 -9.05 -19.07 17.08
C THR A 545 -8.60 -19.50 18.50
N TRP A 546 -9.54 -19.91 19.34
CA TRP A 546 -9.22 -20.11 20.77
C TRP A 546 -8.17 -21.20 21.02
N LYS A 547 -8.31 -22.36 20.39
CA LYS A 547 -7.29 -23.40 20.57
C LYS A 547 -5.90 -22.92 20.19
N SER A 548 -5.79 -22.15 19.11
CA SER A 548 -4.51 -21.65 18.66
C SER A 548 -3.91 -20.64 19.61
N VAL A 549 -4.77 -19.82 20.23
CA VAL A 549 -4.36 -18.83 21.23
C VAL A 549 -3.75 -19.53 22.44
N LYS A 550 -4.47 -20.52 22.97
CA LYS A 550 -3.97 -21.26 24.12
C LYS A 550 -2.67 -21.98 23.81
N THR A 551 -2.63 -22.66 22.67
CA THR A 551 -1.41 -23.33 22.22
C THR A 551 -0.26 -22.36 22.11
N ALA A 552 -0.51 -21.21 21.49
CA ALA A 552 0.55 -20.25 21.29
C ALA A 552 1.17 -19.77 22.62
N LEU A 553 0.33 -19.43 23.59
CA LEU A 553 0.84 -18.94 24.88
C LEU A 553 1.53 -20.05 25.69
N ASP A 554 0.97 -21.24 25.63
CA ASP A 554 1.53 -22.41 26.34
C ASP A 554 2.92 -22.75 25.80
N LYS A 555 3.08 -22.72 24.48
CA LYS A 555 4.40 -22.96 23.89
C LYS A 555 5.43 -21.89 24.28
N LEU A 556 5.00 -20.64 24.31
CA LEU A 556 5.89 -19.53 24.67
C LEU A 556 6.35 -19.58 26.15
N LYS A 557 5.46 -20.05 27.02
CA LYS A 557 5.78 -20.23 28.43
C LYS A 557 6.96 -21.22 28.62
N GLU A 558 7.04 -22.22 27.76
CA GLU A 558 8.18 -23.18 27.79
C GLU A 558 9.54 -22.52 27.54
N MET A 559 9.56 -21.32 26.96
CA MET A 559 10.82 -20.61 26.73
C MET A 559 11.28 -19.75 27.91
N ASP A 560 10.56 -19.84 29.03
CA ASP A 560 11.01 -19.27 30.28
C ASP A 560 12.05 -20.22 30.88
N LYS A 561 13.32 -19.84 30.82
N LYS A 561 13.32 -19.84 30.78
CA LYS A 561 14.42 -20.73 31.24
CA LYS A 561 14.45 -20.66 31.25
C LYS A 561 14.85 -20.56 32.71
C LYS A 561 14.58 -20.71 32.78
N ASP A 562 14.31 -19.58 33.42
CA ASP A 562 14.65 -19.39 34.85
C ASP A 562 13.46 -19.25 35.78
N ASN A 563 12.28 -19.63 35.30
CA ASN A 563 11.06 -19.59 36.08
C ASN A 563 10.73 -18.24 36.73
N ASP A 564 11.01 -17.14 36.03
CA ASP A 564 10.48 -15.84 36.45
C ASP A 564 9.09 -15.57 35.84
N GLY A 565 8.58 -16.54 35.07
CA GLY A 565 7.25 -16.49 34.46
C GLY A 565 7.22 -15.77 33.12
N ILE A 566 8.39 -15.45 32.59
CA ILE A 566 8.52 -14.67 31.36
C ILE A 566 9.45 -15.40 30.39
N PRO A 567 9.06 -15.55 29.12
CA PRO A 567 10.01 -16.14 28.17
C PRO A 567 11.32 -15.38 28.10
N ASP A 568 12.43 -16.11 27.96
CA ASP A 568 13.76 -15.52 27.92
C ASP A 568 14.19 -15.26 26.49
N ASN A 569 14.53 -14.01 26.16
CA ASN A 569 15.23 -13.74 24.91
C ASN A 569 16.62 -14.36 25.00
N GLU A 570 17.13 -14.86 23.88
CA GLU A 570 18.28 -15.76 23.94
C GLU A 570 19.63 -15.15 23.56
N GLY A 571 19.75 -13.83 23.63
CA GLY A 571 21.00 -13.17 23.29
C GLY A 571 21.27 -13.15 21.81
N ILE A 572 20.21 -13.30 21.02
CA ILE A 572 20.24 -13.18 19.58
C ILE A 572 19.00 -12.38 19.17
N PRO A 573 18.91 -12.01 17.89
CA PRO A 573 17.68 -11.30 17.49
C PRO A 573 16.50 -12.25 17.27
N ASP A 574 15.74 -12.51 18.33
CA ASP A 574 14.64 -13.46 18.28
C ASP A 574 13.27 -12.78 18.33
N GLN A 575 13.14 -11.75 17.49
CA GLN A 575 11.93 -10.95 17.40
C GLN A 575 12.08 -9.95 16.25
N THR A 576 11.06 -9.13 16.05
CA THR A 576 10.97 -8.24 14.87
C THR A 576 12.20 -7.38 14.58
N TYR A 577 12.92 -6.97 15.61
CA TYR A 577 14.19 -6.25 15.41
C TYR A 577 15.24 -7.33 15.17
N ASP A 578 15.26 -7.81 13.92
CA ASP A 578 15.89 -9.09 13.59
C ASP A 578 17.41 -9.02 13.39
N THR A 579 18.02 -7.88 13.70
CA THR A 579 19.47 -7.83 13.92
C THR A 579 19.85 -7.25 15.28
N TRP A 580 18.86 -6.91 16.10
CA TRP A 580 19.09 -6.29 17.40
C TRP A 580 18.87 -7.30 18.52
N SER A 581 19.94 -7.75 19.15
CA SER A 581 19.84 -8.84 20.14
C SER A 581 19.20 -8.43 21.44
N MET A 582 18.33 -9.29 21.94
CA MET A 582 17.76 -9.16 23.26
C MET A 582 18.14 -10.39 24.07
N LYS A 583 18.30 -10.21 25.38
CA LYS A 583 18.72 -11.29 26.28
C LYS A 583 18.03 -11.16 27.63
N GLY A 584 17.43 -12.27 28.07
CA GLY A 584 16.73 -12.31 29.34
C GLY A 584 15.30 -11.82 29.19
N THR A 585 14.84 -11.04 30.17
CA THR A 585 13.51 -10.40 30.07
C THR A 585 13.70 -9.07 29.35
N SER A 586 13.05 -8.91 28.19
CA SER A 586 13.10 -7.63 27.49
C SER A 586 11.82 -6.86 27.77
N ALA A 587 11.92 -5.53 27.78
CA ALA A 587 10.76 -4.68 27.89
C ALA A 587 9.78 -5.00 26.75
N TYR A 588 10.32 -5.10 25.54
CA TYR A 588 9.51 -5.34 24.36
C TYR A 588 8.74 -6.64 24.42
N CYS A 589 9.46 -7.77 24.43
CA CYS A 589 8.78 -9.05 24.43
C CYS A 589 8.08 -9.34 25.75
N GLY A 590 8.64 -8.80 26.85
CA GLY A 590 8.06 -9.01 28.15
C GLY A 590 6.71 -8.32 28.26
N SER A 591 6.62 -7.07 27.79
CA SER A 591 5.34 -6.35 27.85
C SER A 591 4.29 -6.97 26.93
N LEU A 592 4.70 -7.43 25.74
CA LEU A 592 3.80 -8.11 24.81
C LEU A 592 3.22 -9.37 25.44
N TRP A 593 4.06 -10.09 26.17
CA TRP A 593 3.68 -11.30 26.90
C TRP A 593 2.64 -10.99 27.97
N LEU A 594 2.89 -9.94 28.75
CA LEU A 594 1.95 -9.54 29.79
C LEU A 594 0.60 -9.21 29.18
N ALA A 595 0.62 -8.42 28.11
CA ALA A 595 -0.62 -8.05 27.46
C ALA A 595 -1.33 -9.25 26.84
N ALA A 596 -0.58 -10.16 26.23
CA ALA A 596 -1.20 -11.32 25.62
C ALA A 596 -1.87 -12.22 26.66
N LEU A 597 -1.24 -12.32 27.84
CA LEU A 597 -1.85 -13.08 28.93
C LEU A 597 -3.15 -12.44 29.39
N LYS A 598 -3.18 -11.12 29.52
CA LYS A 598 -4.40 -10.43 29.88
C LYS A 598 -5.49 -10.59 28.81
N ALA A 599 -5.11 -10.53 27.53
CA ALA A 599 -6.08 -10.76 26.46
C ALA A 599 -6.67 -12.17 26.53
N ALA A 600 -5.83 -13.16 26.78
CA ALA A 600 -6.28 -14.55 26.83
C ALA A 600 -7.18 -14.80 28.03
N GLN A 601 -6.89 -14.15 29.16
CA GLN A 601 -7.80 -14.18 30.31
C GLN A 601 -9.19 -13.72 29.92
N GLU A 602 -9.26 -12.58 29.23
CA GLU A 602 -10.54 -12.02 28.82
C GLU A 602 -11.26 -12.91 27.80
N ILE A 603 -10.54 -13.49 26.85
CA ILE A 603 -11.17 -14.43 25.92
C ILE A 603 -11.74 -15.63 26.69
N GLY A 604 -10.96 -16.14 27.63
CA GLY A 604 -11.40 -17.24 28.48
C GLY A 604 -12.72 -16.91 29.19
N LYS A 605 -12.83 -15.68 29.67
CA LYS A 605 -14.09 -15.24 30.31
C LYS A 605 -15.22 -15.22 29.31
N VAL A 606 -14.98 -14.64 28.13
CA VAL A 606 -16.03 -14.57 27.11
C VAL A 606 -16.50 -15.96 26.69
N LEU A 607 -15.57 -16.89 26.55
CA LEU A 607 -15.87 -18.25 26.07
C LEU A 607 -16.22 -19.23 27.19
N LYS A 608 -16.20 -18.75 28.43
CA LYS A 608 -16.50 -19.55 29.61
C LYS A 608 -15.56 -20.75 29.74
N ASP A 609 -14.27 -20.47 29.54
CA ASP A 609 -13.22 -21.45 29.73
C ASP A 609 -12.56 -21.06 31.04
N ASN A 610 -13.13 -21.55 32.14
CA ASN A 610 -12.67 -21.14 33.47
C ASN A 610 -11.21 -21.52 33.76
N GLU A 611 -10.81 -22.72 33.37
CA GLU A 611 -9.47 -23.17 33.71
C GLU A 611 -8.41 -22.36 32.95
N ALA A 612 -8.75 -21.92 31.74
CA ALA A 612 -7.86 -21.05 30.99
C ALA A 612 -7.77 -19.68 31.65
N TYR A 613 -8.92 -19.12 32.03
CA TYR A 613 -8.91 -17.85 32.76
C TYR A 613 -8.00 -17.92 33.98
N ILE A 614 -8.19 -18.95 34.80
CA ILE A 614 -7.38 -19.09 36.02
C ILE A 614 -5.89 -19.22 35.72
N LYS A 615 -5.53 -20.05 34.74
CA LYS A 615 -4.12 -20.30 34.44
C LYS A 615 -3.42 -19.04 33.94
N TYR A 616 -4.04 -18.36 32.97
CA TYR A 616 -3.43 -17.17 32.39
C TYR A 616 -3.45 -16.00 33.36
N ASN A 617 -4.44 -15.95 34.25
CA ASN A 617 -4.43 -14.97 35.33
C ASN A 617 -3.26 -15.20 36.28
N GLU A 618 -3.02 -16.47 36.64
CA GLU A 618 -1.90 -16.82 37.51
C GLU A 618 -0.55 -16.49 36.86
N TRP A 619 -0.37 -16.87 35.60
CA TRP A 619 0.86 -16.54 34.89
C TRP A 619 1.02 -15.03 34.79
N TYR A 620 -0.08 -14.32 34.52
CA TYR A 620 -0.04 -12.87 34.39
C TYR A 620 0.45 -12.17 35.67
N LYS A 621 -0.10 -12.56 36.82
CA LYS A 621 0.27 -11.92 38.08
C LYS A 621 1.75 -12.11 38.41
N ILE A 622 2.28 -13.31 38.20
CA ILE A 622 3.69 -13.60 38.48
C ILE A 622 4.60 -12.83 37.51
N ALA A 623 4.28 -12.91 36.23
CA ALA A 623 5.08 -12.24 35.21
C ALA A 623 5.08 -10.72 35.40
N GLN A 624 3.92 -10.16 35.72
CA GLN A 624 3.77 -8.73 35.91
C GLN A 624 4.66 -8.23 37.05
N GLN A 625 4.61 -8.93 38.18
CA GLN A 625 5.41 -8.57 39.34
C GLN A 625 6.89 -8.61 38.99
N ASN A 626 7.33 -9.67 38.33
CA ASN A 626 8.73 -9.82 37.97
C ASN A 626 9.21 -8.89 36.88
N PHE A 627 8.34 -8.57 35.93
CA PHE A 627 8.65 -7.62 34.88
C PHE A 627 9.00 -6.27 35.51
N GLU A 628 8.12 -5.82 36.40
CA GLU A 628 8.27 -4.54 37.08
C GLU A 628 9.57 -4.54 37.89
N LYS A 629 9.79 -5.58 38.69
CA LYS A 629 11.03 -5.70 39.48
C LYS A 629 12.29 -5.64 38.65
N GLU A 630 12.33 -6.43 37.58
CA GLU A 630 13.53 -6.60 36.79
C GLU A 630 13.90 -5.37 35.95
N LEU A 631 12.90 -4.63 35.49
CA LEU A 631 13.11 -3.64 34.44
C LEU A 631 12.83 -2.17 34.80
N TRP A 632 11.95 -1.91 35.75
CA TRP A 632 11.63 -0.51 36.11
C TRP A 632 12.82 0.10 36.86
N ASN A 633 13.38 1.18 36.32
CA ASN A 633 14.59 1.78 36.89
C ASN A 633 14.38 3.14 37.56
N GLY A 634 13.12 3.56 37.66
CA GLY A 634 12.75 4.85 38.26
C GLY A 634 12.35 5.92 37.24
N GLU A 635 12.87 5.80 36.02
CA GLU A 635 12.59 6.74 34.93
C GLU A 635 11.94 6.09 33.70
N TYR A 636 12.35 4.87 33.39
CA TYR A 636 11.79 4.14 32.25
C TYR A 636 12.02 2.64 32.48
N TYR A 637 11.60 1.80 31.53
CA TYR A 637 11.86 0.36 31.62
C TYR A 637 13.09 0.02 30.81
N ASN A 638 14.05 -0.68 31.43
CA ASN A 638 15.28 -1.05 30.75
C ASN A 638 15.01 -1.93 29.52
N PHE A 639 15.88 -1.79 28.51
CA PHE A 639 15.78 -2.56 27.27
C PHE A 639 15.63 -4.04 27.58
N ASP A 640 16.50 -4.57 28.44
CA ASP A 640 16.35 -5.95 28.93
C ASP A 640 17.20 -6.17 30.18
N THR A 641 17.32 -7.41 30.62
CA THR A 641 18.04 -7.71 31.87
C THR A 641 19.47 -8.18 31.69
N GLU A 642 19.87 -8.61 30.49
CA GLU A 642 21.20 -9.23 30.32
C GLU A 642 22.13 -8.72 29.22
N SER A 643 21.66 -7.82 28.36
CA SER A 643 22.49 -7.33 27.25
C SER A 643 23.58 -6.35 27.71
N ASP A 644 24.55 -6.11 26.83
CA ASP A 644 25.63 -5.16 27.09
C ASP A 644 25.10 -3.73 27.30
N HIS A 645 24.10 -3.34 26.53
CA HIS A 645 23.45 -2.03 26.71
C HIS A 645 22.02 -2.21 27.21
N LYS A 646 21.87 -2.99 28.27
CA LYS A 646 20.56 -3.30 28.84
C LYS A 646 19.79 -2.06 29.34
N ASP A 647 20.50 -0.97 29.61
CA ASP A 647 19.86 0.25 30.12
C ASP A 647 19.55 1.26 29.01
N SER A 648 19.60 0.83 27.75
CA SER A 648 19.18 1.70 26.65
C SER A 648 17.69 2.01 26.77
N ILE A 649 17.30 3.18 26.30
CA ILE A 649 15.92 3.59 26.25
C ILE A 649 15.40 3.17 24.89
N MET A 650 14.49 2.22 24.86
CA MET A 650 13.94 1.70 23.62
C MET A 650 12.63 2.41 23.32
N ALA A 651 12.47 2.90 22.10
CA ALA A 651 11.24 3.60 21.73
C ALA A 651 10.00 2.72 21.91
N ASP A 652 10.14 1.41 21.68
CA ASP A 652 9.03 0.47 21.67
C ASP A 652 8.96 -0.34 22.97
N GLN A 653 9.61 0.14 24.02
CA GLN A 653 9.73 -0.63 25.28
C GLN A 653 8.42 -1.10 25.87
N LEU A 654 7.35 -0.32 25.71
CA LEU A 654 6.05 -0.68 26.26
C LEU A 654 5.00 -1.04 25.21
N ALA A 655 5.41 -1.71 24.14
CA ALA A 655 4.47 -2.10 23.09
C ALA A 655 3.28 -2.90 23.60
N GLY A 656 3.48 -3.74 24.61
CA GLY A 656 2.36 -4.47 25.19
C GLY A 656 1.32 -3.58 25.82
N GLN A 657 1.76 -2.53 26.49
CA GLN A 657 0.83 -1.58 27.10
C GLN A 657 0.11 -0.75 26.03
N TRP A 658 0.83 -0.41 24.95
CA TRP A 658 0.17 0.25 23.81
C TRP A 658 -1.02 -0.58 23.33
N TYR A 659 -0.81 -1.87 23.04
CA TYR A 659 -1.93 -2.71 22.61
C TYR A 659 -2.99 -2.90 23.68
N ALA A 660 -2.57 -3.01 24.95
CA ALA A 660 -3.54 -3.12 26.04
C ALA A 660 -4.53 -1.93 26.07
N ASP A 661 -4.02 -0.73 25.81
CA ASP A 661 -4.86 0.46 25.70
C ASP A 661 -5.91 0.29 24.60
N ILE A 662 -5.46 -0.12 23.42
CA ILE A 662 -6.35 -0.35 22.27
C ILE A 662 -7.39 -1.43 22.56
N LEU A 663 -6.97 -2.48 23.26
CA LEU A 663 -7.82 -3.63 23.52
C LEU A 663 -8.69 -3.40 24.77
N ARG A 664 -8.52 -2.24 25.41
CA ARG A 664 -9.23 -1.88 26.64
C ARG A 664 -9.02 -2.91 27.75
N LEU A 665 -7.77 -3.33 27.90
CA LEU A 665 -7.37 -4.31 28.92
C LEU A 665 -6.85 -3.64 30.18
N GLY A 666 -6.82 -2.31 30.20
CA GLY A 666 -6.42 -1.58 31.39
C GLY A 666 -4.93 -1.49 31.58
N ASP A 667 -4.52 -1.29 32.82
CA ASP A 667 -3.12 -1.12 33.13
C ASP A 667 -2.51 -2.50 33.22
N ILE A 668 -1.44 -2.72 32.47
CA ILE A 668 -0.59 -3.87 32.73
C ILE A 668 0.63 -3.43 33.54
N LEU A 669 0.92 -2.13 33.50
CA LEU A 669 1.98 -1.53 34.30
C LEU A 669 1.41 -0.25 34.93
N PRO A 670 2.04 0.25 36.01
CA PRO A 670 1.48 1.42 36.70
C PRO A 670 1.41 2.65 35.79
N LYS A 671 0.28 3.34 35.82
CA LYS A 671 0.05 4.54 35.02
C LYS A 671 1.21 5.52 35.14
N ASP A 672 1.64 5.76 36.38
CA ASP A 672 2.70 6.73 36.63
C ASP A 672 4.00 6.35 35.90
N HIS A 673 4.34 5.06 35.92
CA HIS A 673 5.57 4.56 35.30
C HIS A 673 5.45 4.61 33.78
N VAL A 674 4.27 4.30 33.26
CA VAL A 674 4.05 4.39 31.80
C VAL A 674 4.22 5.82 31.33
N GLN A 675 3.66 6.76 32.07
CA GLN A 675 3.76 8.17 31.71
C GLN A 675 5.21 8.64 31.75
N LYS A 676 5.95 8.24 32.78
CA LYS A 676 7.35 8.62 32.87
C LYS A 676 8.15 8.06 31.71
N ALA A 677 7.87 6.82 31.35
CA ALA A 677 8.58 6.17 30.27
C ALA A 677 8.31 6.85 28.93
N LEU A 678 7.04 7.18 28.68
CA LEU A 678 6.66 7.88 27.44
C LEU A 678 7.30 9.27 27.35
N LYS A 679 7.29 9.98 28.47
CA LYS A 679 7.96 11.29 28.54
C LYS A 679 9.46 11.18 28.29
N LYS A 680 10.08 10.12 28.81
CA LYS A 680 11.50 9.85 28.61
C LYS A 680 11.80 9.60 27.14
N ILE A 681 10.95 8.77 26.52
CA ILE A 681 11.11 8.46 25.09
C ILE A 681 10.99 9.73 24.24
N TYR A 682 10.00 10.57 24.51
CA TYR A 682 9.86 11.83 23.78
C TYR A 682 11.09 12.72 24.00
N GLU A 683 11.49 12.84 25.26
CA GLU A 683 12.62 13.71 25.64
C GLU A 683 13.94 13.26 25.00
N PHE A 684 14.13 11.95 24.88
CA PHE A 684 15.36 11.37 24.39
C PHE A 684 15.25 10.90 22.93
N ASN A 685 14.59 9.77 22.72
CA ASN A 685 14.53 9.13 21.39
C ASN A 685 13.96 10.02 20.29
N VAL A 686 13.05 10.94 20.66
CA VAL A 686 12.57 11.93 19.71
C VAL A 686 13.42 13.21 19.76
N MET A 687 13.36 13.95 20.87
CA MET A 687 13.92 15.31 20.90
C MET A 687 15.45 15.39 20.83
N LYS A 688 16.16 14.35 21.25
CA LYS A 688 17.64 14.33 21.09
C LYS A 688 18.10 13.65 19.80
N PHE A 689 17.14 13.27 18.95
CA PHE A 689 17.46 12.76 17.62
C PHE A 689 17.08 13.80 16.57
N GLU A 690 18.09 14.48 16.02
CA GLU A 690 17.90 15.48 14.98
C GLU A 690 16.78 16.46 15.34
N ASN A 691 16.82 16.94 16.58
CA ASN A 691 15.87 17.93 17.10
C ASN A 691 14.40 17.54 16.97
N GLY A 692 14.12 16.25 17.05
CA GLY A 692 12.73 15.75 17.02
C GLY A 692 12.00 15.94 15.70
N LYS A 693 12.73 16.14 14.61
CA LYS A 693 12.12 16.37 13.29
C LYS A 693 12.11 15.14 12.39
N MET A 694 12.45 13.97 12.91
CA MET A 694 12.60 12.79 12.07
C MET A 694 12.01 11.51 12.68
N GLY A 695 11.18 11.64 13.71
CA GLY A 695 10.62 10.48 14.41
C GLY A 695 11.39 10.05 15.64
N ALA A 696 11.13 8.82 16.10
CA ALA A 696 11.77 8.26 17.30
C ALA A 696 12.84 7.28 16.91
N VAL A 697 14.10 7.56 17.26
CA VAL A 697 15.15 6.57 17.02
C VAL A 697 14.93 5.40 17.98
N ASN A 698 15.25 4.19 17.54
CA ASN A 698 14.87 3.00 18.31
C ASN A 698 15.54 2.87 19.67
N GLY A 699 16.84 3.16 19.72
CA GLY A 699 17.61 2.97 20.96
C GLY A 699 18.47 4.15 21.30
N MET A 700 18.31 4.67 22.51
CA MET A 700 19.15 5.76 22.98
CA MET A 700 19.08 5.81 23.01
C MET A 700 19.74 5.44 24.34
N ARG A 701 21.03 5.77 24.47
CA ARG A 701 21.74 5.56 25.73
C ARG A 701 21.26 6.60 26.75
N PRO A 702 21.33 6.27 28.06
CA PRO A 702 20.89 7.24 29.08
C PRO A 702 21.63 8.58 29.07
N ASP A 703 22.82 8.62 28.46
CA ASP A 703 23.55 9.89 28.28
C ASP A 703 23.08 10.72 27.07
N GLY A 704 22.02 10.27 26.40
CA GLY A 704 21.44 11.03 25.29
C GLY A 704 22.14 10.89 23.96
N ILE A 705 22.98 9.87 23.81
CA ILE A 705 23.61 9.55 22.53
C ILE A 705 22.99 8.26 22.00
N VAL A 706 22.78 8.20 20.69
CA VAL A 706 22.14 7.04 20.07
C VAL A 706 22.95 5.78 20.33
N ASP A 707 22.24 4.70 20.63
CA ASP A 707 22.84 3.39 20.88
C ASP A 707 23.40 2.82 19.57
N GLU A 708 24.69 2.45 19.60
CA GLU A 708 25.40 2.01 18.40
C GLU A 708 25.65 0.50 18.36
N SER A 709 24.99 -0.25 19.25
CA SER A 709 25.20 -1.68 19.31
C SER A 709 24.79 -2.38 18.02
N ASP A 710 23.73 -1.88 17.37
CA ASP A 710 23.31 -2.42 16.08
C ASP A 710 22.70 -1.33 15.23
N ILE A 711 22.72 -1.54 13.91
CA ILE A 711 22.11 -0.59 12.96
C ILE A 711 20.65 -0.28 13.32
N GLN A 712 19.90 -1.29 13.75
CA GLN A 712 18.47 -1.08 14.05
C GLN A 712 18.25 -0.14 15.22
N ALA A 713 19.16 -0.14 16.18
CA ALA A 713 19.11 0.83 17.29
C ALA A 713 19.24 2.28 16.79
N GLN A 714 19.94 2.46 15.68
CA GLN A 714 20.26 3.78 15.12
C GLN A 714 19.24 4.19 14.06
N GLU A 715 18.23 3.37 13.86
CA GLU A 715 17.17 3.62 12.89
C GLU A 715 15.92 4.17 13.60
N VAL A 716 15.25 5.09 12.91
CA VAL A 716 13.84 5.37 13.15
C VAL A 716 13.04 4.39 12.31
N TRP A 717 12.11 3.67 12.93
CA TRP A 717 11.17 2.84 12.19
C TRP A 717 9.85 3.61 12.10
N THR A 718 9.43 3.89 10.87
CA THR A 718 8.25 4.71 10.61
C THR A 718 7.00 4.15 11.29
N GLY A 719 6.83 2.82 11.26
CA GLY A 719 5.64 2.18 11.83
C GLY A 719 5.68 2.12 13.34
N VAL A 720 6.89 1.98 13.88
CA VAL A 720 7.08 2.05 15.31
C VAL A 720 6.75 3.44 15.82
N THR A 721 7.20 4.46 15.08
CA THR A 721 7.00 5.83 15.46
C THR A 721 5.53 6.24 15.41
N TYR A 722 4.83 5.87 14.34
CA TYR A 722 3.40 6.18 14.29
C TYR A 722 2.64 5.47 15.41
N ALA A 723 2.98 4.22 15.68
CA ALA A 723 2.34 3.49 16.76
C ALA A 723 2.63 4.13 18.13
N LEU A 724 3.85 4.60 18.33
CA LEU A 724 4.21 5.31 19.55
C LEU A 724 3.39 6.58 19.68
N ALA A 725 3.19 7.27 18.56
CA ALA A 725 2.36 8.47 18.56
C ALA A 725 0.93 8.15 19.01
N SER A 726 0.40 7.04 18.50
CA SER A 726 -0.89 6.53 18.94
C SER A 726 -0.95 6.34 20.45
N PHE A 727 0.08 5.70 21.00
CA PHE A 727 0.22 5.38 22.42
C PHE A 727 0.22 6.67 23.24
N MET A 728 1.09 7.62 22.86
CA MET A 728 1.11 8.95 23.49
C MET A 728 -0.25 9.64 23.44
N LYS A 729 -0.91 9.59 22.28
CA LYS A 729 -2.20 10.23 22.11
C LYS A 729 -3.24 9.65 23.10
N TYR A 730 -3.33 8.32 23.20
CA TYR A 730 -4.28 7.71 24.14
C TYR A 730 -3.98 8.08 25.58
N ARG A 731 -2.71 8.31 25.87
CA ARG A 731 -2.27 8.64 27.22
C ARG A 731 -2.30 10.13 27.53
N GLY A 732 -2.92 10.90 26.64
CA GLY A 732 -3.13 12.33 26.89
C GLY A 732 -1.96 13.22 26.55
N MET A 733 -0.91 12.65 25.96
CA MET A 733 0.29 13.39 25.57
C MET A 733 0.11 13.87 24.14
N THR A 734 -0.86 14.77 23.96
CA THR A 734 -1.33 15.15 22.62
C THR A 734 -0.25 15.85 21.81
N GLU A 735 0.38 16.88 22.38
CA GLU A 735 1.44 17.59 21.67
C GLU A 735 2.58 16.65 21.32
N GLU A 736 3.01 15.84 22.29
CA GLU A 736 4.11 14.91 22.05
C GLU A 736 3.74 13.92 20.94
N ALA A 737 2.51 13.42 20.96
CA ALA A 737 2.05 12.47 19.95
C ALA A 737 2.17 13.02 18.53
N TYR A 738 1.59 14.19 18.30
CA TYR A 738 1.61 14.77 16.96
C TYR A 738 2.99 15.28 16.56
N ASN A 739 3.77 15.79 17.51
CA ASN A 739 5.15 16.18 17.19
C ASN A 739 5.99 14.97 16.76
N THR A 740 5.77 13.84 17.43
CA THR A 740 6.50 12.60 17.12
C THR A 740 6.10 12.13 15.71
N ALA A 741 4.81 12.08 15.44
CA ALA A 741 4.34 11.67 14.12
C ALA A 741 4.74 12.66 13.03
N TYR A 742 4.80 13.96 13.35
CA TYR A 742 5.10 14.97 12.35
C TYR A 742 6.45 14.73 11.64
N GLY A 743 7.46 14.28 12.40
CA GLY A 743 8.76 13.98 11.81
C GLY A 743 8.69 12.91 10.72
N VAL A 744 7.79 11.95 10.89
CA VAL A 744 7.62 10.91 9.88
C VAL A 744 6.93 11.50 8.64
N TYR A 745 5.86 12.26 8.86
CA TYR A 745 5.19 12.97 7.78
C TYR A 745 6.19 13.83 7.01
N LYS A 746 6.99 14.59 7.73
CA LYS A 746 7.91 15.55 7.13
C LYS A 746 8.92 14.87 6.22
N MET A 747 9.53 13.83 6.75
CA MET A 747 10.54 13.07 6.01
C MET A 747 9.96 12.41 4.77
N THR A 748 8.70 11.96 4.86
CA THR A 748 8.03 11.27 3.76
C THR A 748 7.52 12.21 2.67
N TYR A 749 6.83 13.29 3.07
CA TYR A 749 6.05 14.11 2.14
C TYR A 749 6.54 15.53 1.89
N ASP A 750 7.27 16.09 2.86
CA ASP A 750 7.55 17.54 2.84
C ASP A 750 8.71 17.87 1.91
N LYS A 751 8.72 19.11 1.41
CA LYS A 751 9.84 19.61 0.61
C LYS A 751 11.19 19.47 1.33
N SER A 752 11.17 19.55 2.65
CA SER A 752 12.38 19.43 3.48
C SER A 752 12.76 17.97 3.81
N GLY A 753 11.97 17.01 3.33
CA GLY A 753 12.18 15.60 3.62
C GLY A 753 13.08 14.93 2.60
N LYS A 754 12.90 13.62 2.46
CA LYS A 754 13.76 12.81 1.62
C LYS A 754 13.09 12.16 0.41
N GLY A 755 11.84 12.52 0.15
CA GLY A 755 11.18 12.13 -1.08
C GLY A 755 10.67 10.70 -1.10
N TYR A 756 9.96 10.31 -0.05
CA TYR A 756 9.50 8.93 0.06
C TYR A 756 7.99 8.76 -0.11
N TRP A 757 7.34 9.78 -0.63
CA TRP A 757 5.90 9.69 -0.91
C TRP A 757 5.56 8.48 -1.78
N PHE A 758 4.55 7.73 -1.34
CA PHE A 758 4.09 6.51 -2.04
C PHE A 758 5.15 5.42 -2.09
N ARG A 759 6.07 5.47 -1.14
CA ARG A 759 7.01 4.37 -0.93
C ARG A 759 7.60 4.43 0.48
N THR A 760 6.76 4.74 1.47
CA THR A 760 7.23 4.92 2.85
C THR A 760 8.08 3.73 3.29
N PRO A 761 9.33 3.99 3.71
CA PRO A 761 10.19 2.86 4.05
C PRO A 761 10.01 2.34 5.47
N GLU A 762 10.57 1.16 5.75
CA GLU A 762 10.69 0.70 7.13
C GLU A 762 11.41 1.74 7.98
N ALA A 763 12.59 2.15 7.52
CA ALA A 763 13.50 2.85 8.39
C ALA A 763 14.33 3.89 7.70
N TRP A 764 14.76 4.89 8.47
CA TRP A 764 15.87 5.75 8.04
C TRP A 764 16.82 5.99 9.19
N THR A 765 18.05 6.35 8.82
CA THR A 765 19.08 6.76 9.78
C THR A 765 19.10 8.29 9.89
N LYS A 766 19.99 8.84 10.72
CA LYS A 766 20.04 10.29 10.94
C LYS A 766 20.32 11.12 9.68
N ASP A 767 21.02 10.54 8.69
CA ASP A 767 21.28 11.22 7.43
C ASP A 767 20.05 11.26 6.51
N GLY A 768 18.98 10.57 6.91
CA GLY A 768 17.76 10.55 6.12
C GLY A 768 17.67 9.43 5.09
N ASN A 769 18.77 8.71 4.86
CA ASN A 769 18.76 7.62 3.91
C ASN A 769 18.03 6.42 4.50
N TYR A 770 17.54 5.53 3.63
CA TYR A 770 16.51 4.58 4.04
C TYR A 770 16.87 3.11 3.92
N ARG A 771 16.04 2.28 4.57
CA ARG A 771 16.03 0.85 4.34
C ARG A 771 14.60 0.39 4.06
N ALA A 772 14.42 -0.25 2.90
CA ALA A 772 13.23 -0.98 2.51
C ALA A 772 12.03 -0.07 2.24
N SER A 773 12.06 0.57 1.08
CA SER A 773 10.92 1.40 0.64
C SER A 773 9.72 0.52 0.39
N MET A 774 8.54 1.12 0.37
CA MET A 774 7.28 0.41 0.15
C MET A 774 7.04 -0.64 1.23
N TYR A 775 6.91 -0.19 2.46
CA TYR A 775 6.90 -1.06 3.64
C TYR A 775 5.54 -1.09 4.33
N MET A 776 5.16 -2.24 4.87
CA MET A 776 3.81 -2.41 5.47
C MET A 776 3.65 -1.68 6.80
N ARG A 777 4.72 -1.66 7.60
CA ARG A 777 4.63 -1.19 9.00
C ARG A 777 4.02 0.21 9.21
N PRO A 778 4.37 1.22 8.36
CA PRO A 778 3.80 2.57 8.60
C PRO A 778 2.29 2.72 8.41
N LEU A 779 1.62 1.68 7.92
CA LEU A 779 0.15 1.65 7.95
C LEU A 779 -0.36 1.76 9.38
N SER A 780 0.52 1.55 10.35
CA SER A 780 0.17 1.77 11.77
C SER A 780 -0.29 3.19 12.09
N ILE A 781 -0.08 4.15 11.20
CA ILE A 781 -0.66 5.49 11.43
C ILE A 781 -2.17 5.40 11.74
N TRP A 782 -2.86 4.42 11.16
CA TRP A 782 -4.29 4.25 11.46
C TRP A 782 -4.61 3.89 12.92
N SER A 783 -3.63 3.41 13.69
CA SER A 783 -3.81 3.26 15.15
C SER A 783 -4.07 4.61 15.85
N MET A 784 -3.70 5.71 15.21
CA MET A 784 -4.01 7.04 15.73
C MET A 784 -5.50 7.41 15.62
N GLU A 785 -6.28 6.63 14.87
CA GLU A 785 -7.72 6.87 14.68
C GLU A 785 -8.64 5.96 15.53
N VAL A 786 -8.07 5.12 16.39
CA VAL A 786 -8.89 4.21 17.20
C VAL A 786 -9.84 4.96 18.14
C1 GIM B . 12.71 -8.66 7.89
C2 GIM B . 11.72 -9.57 8.51
N10 GIM B . 12.97 -7.42 8.27
C3 GIM B . 10.86 -8.81 9.54
C4 GIM B . 11.69 -7.77 10.31
C5 GIM B . 12.26 -6.72 9.36
C6 GIM B . 13.14 -5.70 10.07
C7 GIM B . 14.29 -7.92 6.62
C8 GIM B . 13.96 -6.93 7.50
N1 GIM B . 13.51 -8.98 6.87
O3 GIM B . 10.35 -9.74 10.48
O2 GIM B . 10.95 -10.29 7.54
O4 GIM B . 10.88 -7.12 11.31
O6 GIM B . 13.34 -4.52 9.28
C1 GOL C . -11.51 -22.30 2.75
O1 GOL C . -10.98 -21.13 2.09
C2 GOL C . -12.68 -21.92 3.63
O2 GOL C . -13.41 -20.85 3.03
C3 GOL C . -13.66 -23.07 3.76
O3 GOL C . -14.52 -23.06 2.61
C1 GOL D . -13.46 -13.43 2.87
O1 GOL D . -12.84 -14.71 3.08
C2 GOL D . -12.40 -12.33 2.84
O2 GOL D . -11.46 -12.56 1.77
C3 GOL D . -13.02 -10.94 2.69
O3 GOL D . -14.07 -10.84 1.71
C1 GOL E . -15.92 -18.00 -15.95
O1 GOL E . -16.18 -17.36 -14.70
C2 GOL E . -16.92 -17.54 -16.99
O2 GOL E . -17.78 -16.50 -16.49
C3 GOL E . -16.17 -17.03 -18.19
O3 GOL E . -15.57 -15.78 -17.88
C1 GOL F . 20.90 -2.86 23.32
O1 GOL F . 21.65 -2.14 22.33
C2 GOL F . 21.49 -4.26 23.52
O2 GOL F . 22.79 -4.16 24.08
C3 GOL F . 21.58 -4.97 22.17
O3 GOL F . 21.96 -6.34 22.32
C1 GOL G . 18.08 -8.91 8.35
O1 GOL G . 16.86 -9.38 7.73
C2 GOL G . 18.56 -7.59 7.77
O2 GOL G . 18.93 -7.76 6.40
C3 GOL G . 17.49 -6.50 7.84
O3 GOL G . 17.01 -6.36 9.18
C1 GOL H . -14.27 5.47 8.40
O1 GOL H . -14.98 6.55 7.77
C2 GOL H . -12.93 5.97 8.94
O2 GOL H . -12.95 7.40 9.12
C3 GOL H . -12.58 5.28 10.26
O3 GOL H . -11.94 6.17 11.20
C1 GOL I . 14.25 -8.36 -4.92
O1 GOL I . 13.89 -6.99 -4.72
C2 GOL I . 14.19 -9.10 -3.59
O2 GOL I . 12.82 -9.40 -3.25
C3 GOL I . 14.96 -10.42 -3.71
O3 GOL I . 14.32 -11.44 -2.93
C1 GOL J . 8.06 18.77 -3.53
O1 GOL J . 8.88 19.56 -2.67
C2 GOL J . 6.59 18.89 -3.14
O2 GOL J . 6.28 20.24 -2.80
C3 GOL J . 6.22 18.01 -1.95
O3 GOL J . 7.38 17.39 -1.39
C1 GOL K . -0.19 -26.34 24.69
O1 GOL K . 0.91 -27.08 24.16
C2 GOL K . -1.55 -26.93 24.35
O2 GOL K . -1.70 -27.08 22.93
C3 GOL K . -2.61 -25.97 24.87
O3 GOL K . -3.87 -26.21 24.24
C1 GOL L . -17.56 15.47 -7.13
O1 GOL L . -16.37 16.27 -7.14
C2 GOL L . -17.65 14.74 -5.78
O2 GOL L . -16.44 14.02 -5.54
C3 GOL L . -18.80 13.72 -5.77
O3 GOL L . -20.02 14.31 -6.23
C1 GOL M . -20.14 1.11 2.32
O1 GOL M . -19.21 0.04 2.47
C2 GOL M . -19.81 1.67 0.94
O2 GOL M . -20.49 2.91 0.68
C3 GOL M . -20.07 0.65 -0.17
O3 GOL M . -20.32 -0.68 0.27
C1 GOL N . 12.99 4.09 -15.59
O1 GOL N . 12.98 2.67 -15.85
C2 GOL N . 12.19 4.89 -16.62
O2 GOL N . 11.40 4.08 -17.51
C3 GOL N . 11.27 5.87 -15.89
O3 GOL N . 10.83 6.94 -16.74
C1 GOL O . 3.82 -25.38 4.57
O1 GOL O . 2.99 -24.38 5.15
C2 GOL O . 4.86 -25.91 5.53
O2 GOL O . 5.15 -27.22 5.04
C3 GOL O . 6.12 -25.01 5.64
O3 GOL O . 6.54 -24.35 4.41
C1 GOL P . -18.93 8.39 -32.53
O1 GOL P . -19.67 8.54 -31.31
C2 GOL P . -17.95 7.23 -32.40
O2 GOL P . -16.66 7.61 -32.89
C3 GOL P . -18.45 6.01 -33.18
O3 GOL P . -18.04 6.08 -34.55
C1 GOL Q . 15.43 -12.00 34.57
O1 GOL Q . 16.09 -11.49 35.74
C2 GOL Q . 16.40 -12.89 33.79
O2 GOL Q . 17.48 -12.09 33.28
C3 GOL Q . 15.72 -13.60 32.63
O3 GOL Q . 14.49 -14.21 33.02
C1 GOL R . 20.42 -5.63 3.10
O1 GOL R . 19.60 -5.98 1.96
C2 GOL R . 21.88 -5.57 2.71
O2 GOL R . 22.03 -6.36 1.55
C3 GOL R . 22.81 -6.10 3.81
O3 GOL R . 23.19 -4.99 4.63
C1 GOL S . -9.62 -20.14 4.90
O1 GOL S . -8.31 -19.91 4.41
C2 GOL S . -9.55 -20.50 6.39
O2 GOL S . -8.40 -19.84 7.00
C3 GOL S . -10.85 -20.11 7.09
O3 GOL S . -11.17 -18.71 6.95
CA CA T . 12.47 -15.89 32.18
C1 EDO U . -0.51 -4.39 -5.87
O1 EDO U . 0.78 -3.97 -5.51
C2 EDO U . -0.49 -5.05 -7.21
O2 EDO U . 0.22 -6.28 -7.18
#